data_2DTT
#
_entry.id   2DTT
#
_cell.length_a   35.682
_cell.length_b   105.445
_cell.length_c   96.147
_cell.angle_alpha   90.00
_cell.angle_beta   90.95
_cell.angle_gamma   90.00
#
_symmetry.space_group_name_H-M   'P 1 21 1'
#
loop_
_entity.id
_entity.type
_entity.pdbx_description
1 polymer 'Hypothetical protein PH0634'
2 non-polymer 5,6,7,8-TETRAHYDROBIOPTERIN
3 water water
#
_entity_poly.entity_id   1
_entity_poly.type   'polypeptide(L)'
_entity_poly.pdbx_seq_one_letter_code
;MKSRIIVRTSFDAAHAVKVGDHWEDVHGHTFFLEVAIEGEIKNGYVMDFLELRKIVEEITKELDHRNLNNIFENPTTENI
ALWIGERIRDKLPPYVKLKRVVLWEGKDNGVELEW
;
_entity_poly.pdbx_strand_id   A,B,C,D,E,F
#
loop_
_chem_comp.id
_chem_comp.type
_chem_comp.name
_chem_comp.formula
H4B non-polymer 5,6,7,8-TETRAHYDROBIOPTERIN 'C9 H15 N5 O3'
#
# COMPACT_ATOMS: atom_id res chain seq x y z
N MET A 1 16.03 -13.02 -27.16
CA MET A 1 15.23 -13.84 -26.21
C MET A 1 15.14 -13.18 -24.84
N LYS A 2 14.06 -13.45 -24.14
CA LYS A 2 13.87 -12.90 -22.80
C LYS A 2 13.64 -14.07 -21.85
N SER A 3 14.26 -13.99 -20.68
CA SER A 3 14.13 -15.04 -19.68
C SER A 3 13.68 -14.48 -18.35
N ARG A 4 12.71 -15.16 -17.74
CA ARG A 4 12.16 -14.74 -16.46
C ARG A 4 12.01 -15.94 -15.54
N ILE A 5 11.99 -15.69 -14.24
CA ILE A 5 11.75 -16.75 -13.26
C ILE A 5 10.39 -16.39 -12.72
N ILE A 6 9.60 -17.39 -12.36
CA ILE A 6 8.27 -17.11 -11.86
C ILE A 6 8.01 -17.80 -10.54
N VAL A 7 7.46 -17.05 -9.60
CA VAL A 7 7.14 -17.59 -8.29
C VAL A 7 5.68 -17.33 -7.98
N ARG A 8 5.04 -18.33 -7.39
CA ARG A 8 3.63 -18.21 -7.02
C ARG A 8 3.52 -18.35 -5.52
N THR A 9 2.69 -17.51 -4.91
CA THR A 9 2.49 -17.54 -3.48
C THR A 9 1.03 -17.19 -3.22
N SER A 10 0.63 -17.23 -1.95
CA SER A 10 -0.74 -16.92 -1.61
C SER A 10 -0.87 -16.29 -0.24
N PHE A 11 -1.87 -15.43 -0.09
CA PHE A 11 -2.14 -14.76 1.18
C PHE A 11 -3.63 -14.48 1.26
N ASP A 12 -4.15 -14.38 2.48
CA ASP A 12 -5.55 -14.11 2.67
C ASP A 12 -5.70 -12.74 3.30
N ALA A 13 -6.69 -11.98 2.86
CA ALA A 13 -6.90 -10.64 3.39
C ALA A 13 -8.36 -10.24 3.25
N ALA A 14 -8.82 -9.40 4.17
CA ALA A 14 -10.20 -8.94 4.15
C ALA A 14 -10.26 -7.47 3.73
N HIS A 15 -11.36 -7.10 3.07
CA HIS A 15 -11.55 -5.74 2.60
C HIS A 15 -13.02 -5.52 2.27
N ALA A 16 -13.33 -4.37 1.68
CA ALA A 16 -14.69 -4.03 1.31
C ALA A 16 -14.74 -2.69 0.58
N HIS A 27 -15.84 -8.75 4.49
CA HIS A 27 -15.54 -10.01 3.82
C HIS A 27 -14.03 -10.17 3.57
N GLY A 28 -13.62 -11.42 3.27
CA GLY A 28 -12.21 -11.68 3.03
C GLY A 28 -12.02 -12.65 1.86
N HIS A 29 -10.77 -12.66 1.33
CA HIS A 29 -10.49 -13.49 0.16
C HIS A 29 -9.13 -14.19 0.25
N THR A 30 -8.96 -15.17 -0.62
CA THR A 30 -7.69 -15.88 -0.73
C THR A 30 -7.10 -15.37 -2.04
N PHE A 31 -6.00 -14.62 -1.92
CA PHE A 31 -5.34 -14.06 -3.07
C PHE A 31 -4.23 -14.98 -3.56
N PHE A 32 -4.11 -15.09 -4.88
CA PHE A 32 -3.07 -15.90 -5.49
C PHE A 32 -2.20 -14.94 -6.28
N LEU A 33 -0.91 -14.93 -5.94
CA LEU A 33 0.03 -14.03 -6.59
C LEU A 33 1.09 -14.75 -7.41
N GLU A 34 1.34 -14.21 -8.60
CA GLU A 34 2.34 -14.74 -9.51
C GLU A 34 3.22 -13.57 -9.90
N VAL A 35 4.52 -13.69 -9.64
CA VAL A 35 5.46 -12.64 -9.95
C VAL A 35 6.52 -13.14 -10.93
N ALA A 36 6.74 -12.37 -12.00
CA ALA A 36 7.72 -12.74 -13.01
C ALA A 36 8.85 -11.71 -13.03
N ILE A 37 10.08 -12.18 -12.89
CA ILE A 37 11.26 -11.31 -12.87
C ILE A 37 12.10 -11.58 -14.10
N GLU A 38 12.32 -10.54 -14.90
CA GLU A 38 13.10 -10.65 -16.12
C GLU A 38 14.56 -10.22 -15.91
N GLY A 39 15.48 -11.01 -16.46
CA GLY A 39 16.88 -10.71 -16.32
C GLY A 39 17.66 -11.71 -17.15
N GLU A 40 18.97 -11.55 -17.20
CA GLU A 40 19.79 -12.48 -17.98
C GLU A 40 20.18 -13.70 -17.18
N ILE A 41 20.36 -14.82 -17.87
CA ILE A 41 20.75 -16.04 -17.20
C ILE A 41 22.25 -16.01 -17.00
N LYS A 42 22.67 -16.04 -15.73
CA LYS A 42 24.07 -16.01 -15.38
C LYS A 42 24.34 -17.14 -14.41
N ASN A 43 25.42 -17.88 -14.64
CA ASN A 43 25.76 -19.00 -13.79
C ASN A 43 24.55 -19.94 -13.74
N GLY A 44 23.82 -19.98 -14.86
CA GLY A 44 22.66 -20.84 -14.95
C GLY A 44 21.31 -20.36 -14.46
N TYR A 45 21.24 -19.14 -13.91
CA TYR A 45 19.95 -18.66 -13.43
C TYR A 45 19.76 -17.15 -13.49
N VAL A 46 18.50 -16.73 -13.61
CA VAL A 46 18.17 -15.31 -13.67
C VAL A 46 18.26 -14.72 -12.27
N MET A 47 17.62 -15.40 -11.32
CA MET A 47 17.62 -14.97 -9.92
C MET A 47 17.22 -16.18 -9.07
N ASP A 48 17.86 -16.32 -7.91
CA ASP A 48 17.56 -17.44 -7.02
C ASP A 48 16.07 -17.51 -6.69
N PHE A 49 15.46 -18.67 -6.91
CA PHE A 49 14.04 -18.85 -6.62
C PHE A 49 13.65 -18.48 -5.20
N LEU A 50 14.44 -18.92 -4.23
CA LEU A 50 14.15 -18.64 -2.83
C LEU A 50 14.26 -17.16 -2.49
N GLU A 51 15.28 -16.49 -3.04
CA GLU A 51 15.46 -15.07 -2.78
C GLU A 51 14.23 -14.28 -3.20
N LEU A 52 13.72 -14.56 -4.39
CA LEU A 52 12.53 -13.87 -4.88
C LEU A 52 11.36 -14.23 -3.98
N ARG A 53 11.23 -15.53 -3.71
CA ARG A 53 10.16 -16.01 -2.85
C ARG A 53 10.21 -15.33 -1.49
N LYS A 54 11.42 -15.05 -1.02
CA LYS A 54 11.59 -14.38 0.27
C LYS A 54 11.11 -12.94 0.15
N ILE A 55 11.58 -12.25 -0.88
CA ILE A 55 11.21 -10.87 -1.14
C ILE A 55 9.69 -10.72 -1.25
N VAL A 56 9.09 -11.63 -2.01
CA VAL A 56 7.65 -11.62 -2.25
C VAL A 56 6.79 -11.93 -1.03
N GLU A 57 7.17 -12.94 -0.27
CA GLU A 57 6.37 -13.32 0.89
C GLU A 57 6.59 -12.38 2.08
N GLU A 58 7.67 -11.61 2.04
CA GLU A 58 7.94 -10.65 3.10
C GLU A 58 6.94 -9.51 2.89
N ILE A 59 6.66 -9.24 1.62
CA ILE A 59 5.72 -8.19 1.24
C ILE A 59 4.28 -8.63 1.51
N THR A 60 3.97 -9.89 1.18
CA THR A 60 2.62 -10.41 1.39
C THR A 60 2.31 -10.64 2.87
N LYS A 61 3.36 -10.77 3.67
CA LYS A 61 3.23 -11.00 5.10
C LYS A 61 2.55 -9.78 5.74
N GLU A 62 2.78 -8.62 5.12
CA GLU A 62 2.21 -7.38 5.60
C GLU A 62 0.72 -7.29 5.23
N LEU A 63 0.26 -8.23 4.43
CA LEU A 63 -1.15 -8.26 4.03
C LEU A 63 -1.92 -9.41 4.64
N ASP A 64 -1.24 -10.53 4.87
CA ASP A 64 -1.85 -11.75 5.43
C ASP A 64 -2.86 -11.46 6.57
N HIS A 65 -4.10 -11.95 6.36
CA HIS A 65 -5.20 -11.69 7.30
C HIS A 65 -5.18 -10.29 7.92
N ARG A 66 -5.10 -9.28 7.03
CA ARG A 66 -5.19 -7.90 7.50
C ARG A 66 -6.51 -7.27 7.06
N ASN A 67 -6.88 -6.18 7.76
CA ASN A 67 -7.89 -5.30 7.21
C ASN A 67 -7.26 -4.37 6.16
N LEU A 68 -7.60 -4.65 4.89
CA LEU A 68 -6.99 -3.90 3.78
C LEU A 68 -7.43 -2.43 3.79
N ASN A 69 -8.62 -2.16 4.31
CA ASN A 69 -9.15 -0.80 4.36
C ASN A 69 -8.34 0.06 5.33
N ASN A 70 -7.42 -0.55 6.05
CA ASN A 70 -6.57 0.18 6.99
C ASN A 70 -5.35 0.72 6.26
N ILE A 71 -5.08 0.13 5.10
CA ILE A 71 -3.93 0.52 4.28
C ILE A 71 -4.38 1.20 2.99
N PHE A 72 -5.49 0.74 2.43
CA PHE A 72 -6.01 1.29 1.19
C PHE A 72 -7.33 2.01 1.36
N GLU A 73 -7.45 3.16 0.69
CA GLU A 73 -8.67 3.93 0.74
C GLU A 73 -9.69 3.17 -0.10
N ASN A 74 -9.18 2.46 -1.12
CA ASN A 74 -10.02 1.66 -2.01
C ASN A 74 -9.21 0.39 -2.32
N PRO A 75 -9.29 -0.62 -1.44
CA PRO A 75 -8.58 -1.89 -1.59
C PRO A 75 -9.02 -2.80 -2.74
N THR A 76 -9.06 -2.28 -3.95
CA THR A 76 -9.45 -3.08 -5.10
C THR A 76 -8.29 -4.00 -5.47
N THR A 77 -8.57 -5.04 -6.24
CA THR A 77 -7.55 -5.98 -6.66
C THR A 77 -6.43 -5.29 -7.42
N GLU A 78 -6.79 -4.35 -8.29
CA GLU A 78 -5.83 -3.60 -9.06
C GLU A 78 -4.87 -2.81 -8.18
N ASN A 79 -5.42 -2.01 -7.26
CA ASN A 79 -4.60 -1.22 -6.36
C ASN A 79 -3.69 -2.07 -5.51
N ILE A 80 -4.20 -3.23 -5.08
CA ILE A 80 -3.38 -4.14 -4.28
C ILE A 80 -2.25 -4.66 -5.15
N ALA A 81 -2.55 -4.90 -6.42
CA ALA A 81 -1.56 -5.41 -7.36
C ALA A 81 -0.47 -4.36 -7.59
N LEU A 82 -0.88 -3.09 -7.68
CA LEU A 82 0.06 -1.98 -7.87
C LEU A 82 0.92 -1.85 -6.62
N TRP A 83 0.28 -1.97 -5.47
CA TRP A 83 0.96 -1.88 -4.17
C TRP A 83 2.10 -2.88 -4.11
N ILE A 84 1.79 -4.14 -4.43
CA ILE A 84 2.78 -5.22 -4.41
C ILE A 84 3.86 -5.00 -5.47
N GLY A 85 3.44 -4.68 -6.69
CA GLY A 85 4.39 -4.46 -7.77
C GLY A 85 5.45 -3.44 -7.40
N GLU A 86 5.04 -2.37 -6.73
CA GLU A 86 5.96 -1.31 -6.32
C GLU A 86 6.95 -1.72 -5.26
N ARG A 87 6.48 -2.39 -4.22
CA ARG A 87 7.37 -2.80 -3.14
C ARG A 87 8.33 -3.90 -3.59
N ILE A 88 7.95 -4.64 -4.64
CA ILE A 88 8.83 -5.68 -5.15
C ILE A 88 9.93 -4.99 -5.94
N ARG A 89 9.57 -3.99 -6.74
CA ARG A 89 10.56 -3.26 -7.52
C ARG A 89 11.60 -2.62 -6.62
N ASP A 90 11.20 -2.29 -5.40
CA ASP A 90 12.08 -1.63 -4.44
C ASP A 90 13.02 -2.59 -3.67
N LYS A 91 12.73 -3.89 -3.73
CA LYS A 91 13.57 -4.86 -3.04
C LYS A 91 14.40 -5.73 -3.99
N LEU A 92 14.13 -5.61 -5.29
CA LEU A 92 14.83 -6.40 -6.30
C LEU A 92 16.29 -5.99 -6.51
N PRO A 93 17.16 -6.97 -6.82
CA PRO A 93 18.57 -6.66 -7.06
C PRO A 93 18.67 -5.85 -8.35
N PRO A 94 19.79 -5.14 -8.55
CA PRO A 94 20.12 -4.27 -9.69
C PRO A 94 20.04 -4.74 -11.15
N TYR A 95 20.30 -6.01 -11.43
CA TYR A 95 20.30 -6.46 -12.83
C TYR A 95 19.08 -7.22 -13.35
N VAL A 96 17.97 -7.16 -12.62
CA VAL A 96 16.75 -7.83 -13.04
C VAL A 96 15.64 -6.78 -13.04
N LYS A 97 14.53 -7.10 -13.69
CA LYS A 97 13.40 -6.16 -13.79
C LYS A 97 12.06 -6.83 -13.53
N LEU A 98 11.19 -6.15 -12.79
CA LEU A 98 9.86 -6.70 -12.54
C LEU A 98 9.15 -6.68 -13.88
N LYS A 99 8.86 -7.86 -14.41
CA LYS A 99 8.21 -7.99 -15.69
C LYS A 99 6.69 -8.10 -15.62
N ARG A 100 6.20 -8.92 -14.70
CA ARG A 100 4.77 -9.12 -14.59
C ARG A 100 4.28 -9.46 -13.19
N VAL A 101 3.05 -9.03 -12.90
CA VAL A 101 2.40 -9.31 -11.63
C VAL A 101 0.97 -9.73 -11.96
N VAL A 102 0.58 -10.90 -11.46
CA VAL A 102 -0.76 -11.42 -11.67
C VAL A 102 -1.34 -11.71 -10.30
N LEU A 103 -2.44 -11.07 -9.97
CA LEU A 103 -3.09 -11.24 -8.68
C LEU A 103 -4.51 -11.73 -8.87
N TRP A 104 -4.77 -12.94 -8.40
CA TRP A 104 -6.10 -13.52 -8.52
C TRP A 104 -6.86 -13.41 -7.21
N GLU A 105 -8.04 -12.80 -7.27
CA GLU A 105 -8.86 -12.68 -6.08
C GLU A 105 -9.81 -13.86 -6.23
N GLY A 106 -9.45 -14.98 -5.61
CA GLY A 106 -10.26 -16.17 -5.77
C GLY A 106 -9.61 -16.86 -6.95
N LYS A 107 -10.23 -17.89 -7.50
CA LYS A 107 -9.63 -18.60 -8.62
C LYS A 107 -9.98 -18.18 -10.06
N ASP A 108 -11.09 -17.48 -10.24
CA ASP A 108 -11.48 -17.07 -11.59
C ASP A 108 -11.46 -15.59 -11.95
N ASN A 109 -10.87 -14.76 -11.11
CA ASN A 109 -10.79 -13.33 -11.37
C ASN A 109 -9.44 -12.78 -10.96
N GLY A 110 -8.76 -12.13 -11.89
CA GLY A 110 -7.45 -11.59 -11.57
C GLY A 110 -7.13 -10.32 -12.30
N VAL A 111 -6.02 -9.73 -11.88
CA VAL A 111 -5.50 -8.50 -12.46
C VAL A 111 -4.10 -8.81 -12.92
N GLU A 112 -3.73 -8.30 -14.08
CA GLU A 112 -2.40 -8.52 -14.62
C GLU A 112 -1.70 -7.22 -14.95
N LEU A 113 -0.54 -7.02 -14.35
CA LEU A 113 0.26 -5.82 -14.59
C LEU A 113 1.52 -6.27 -15.32
N GLU A 114 1.83 -5.62 -16.43
CA GLU A 114 2.99 -5.99 -17.22
C GLU A 114 3.86 -4.78 -17.54
N TRP A 115 5.16 -4.94 -17.34
CA TRP A 115 6.13 -3.88 -17.61
C TRP A 115 7.02 -4.24 -18.78
N MET B 1 -2.82 -9.03 -34.96
CA MET B 1 -3.09 -10.14 -34.00
C MET B 1 -2.15 -11.32 -34.20
N LYS B 2 -1.75 -11.93 -33.09
CA LYS B 2 -0.89 -13.10 -33.14
C LYS B 2 -1.70 -14.30 -32.68
N SER B 3 -1.46 -15.46 -33.29
CA SER B 3 -2.17 -16.67 -32.91
C SER B 3 -1.15 -17.75 -32.61
N ARG B 4 -1.37 -18.48 -31.52
CA ARG B 4 -0.46 -19.54 -31.10
C ARG B 4 -1.22 -20.75 -30.61
N ILE B 5 -0.57 -21.90 -30.66
CA ILE B 5 -1.19 -23.11 -30.12
C ILE B 5 -0.31 -23.43 -28.91
N ILE B 6 -0.94 -23.86 -27.84
CA ILE B 6 -0.19 -24.19 -26.63
C ILE B 6 -0.39 -25.65 -26.29
N VAL B 7 0.70 -26.32 -25.96
CA VAL B 7 0.63 -27.72 -25.61
C VAL B 7 1.27 -27.86 -24.23
N ARG B 8 0.58 -28.55 -23.33
CA ARG B 8 1.08 -28.75 -21.97
C ARG B 8 1.38 -30.22 -21.73
N THR B 9 2.49 -30.48 -21.08
CA THR B 9 2.88 -31.84 -20.76
C THR B 9 3.70 -31.82 -19.48
N SER B 10 4.08 -33.01 -19.01
CA SER B 10 4.85 -33.10 -17.78
C SER B 10 5.76 -34.30 -17.80
N PHE B 11 6.81 -34.22 -16.99
CA PHE B 11 7.78 -35.29 -16.87
C PHE B 11 8.39 -35.16 -15.48
N ASP B 12 8.94 -36.24 -14.96
CA ASP B 12 9.55 -36.16 -13.65
C ASP B 12 11.03 -36.47 -13.73
N ALA B 13 11.81 -35.79 -12.90
CA ALA B 13 13.24 -35.99 -12.89
C ALA B 13 13.78 -35.60 -11.53
N ALA B 14 14.89 -36.21 -11.16
CA ALA B 14 15.53 -35.91 -9.88
C ALA B 14 16.75 -35.05 -10.17
N HIS B 15 17.16 -34.25 -9.20
CA HIS B 15 18.34 -33.41 -9.37
C HIS B 15 18.71 -32.63 -8.11
N ALA B 16 19.87 -32.00 -8.18
CA ALA B 16 20.39 -31.19 -7.09
C ALA B 16 21.14 -30.04 -7.77
N VAL B 17 20.88 -28.81 -7.34
CA VAL B 17 21.55 -27.65 -7.93
C VAL B 17 22.77 -27.26 -7.09
N LYS B 18 23.77 -26.67 -7.75
CA LYS B 18 24.98 -26.26 -7.08
C LYS B 18 24.77 -25.09 -6.12
N VAL B 19 25.23 -25.27 -4.88
CA VAL B 19 25.13 -24.25 -3.86
C VAL B 19 26.55 -23.84 -3.48
N GLY B 20 27.27 -23.31 -4.46
CA GLY B 20 28.64 -22.89 -4.24
C GLY B 20 29.57 -23.83 -4.99
N ASP B 21 30.45 -24.50 -4.26
CA ASP B 21 31.33 -25.49 -4.88
C ASP B 21 30.78 -26.89 -4.69
N HIS B 22 29.80 -26.97 -3.77
CA HIS B 22 29.20 -28.24 -3.41
C HIS B 22 27.72 -28.27 -3.77
N TRP B 23 27.09 -29.44 -3.55
CA TRP B 23 25.73 -29.61 -4.06
C TRP B 23 24.68 -29.67 -2.96
N GLU B 24 23.45 -29.31 -3.36
CA GLU B 24 22.30 -29.59 -2.49
C GLU B 24 21.99 -31.08 -2.49
N ASP B 25 21.07 -31.47 -1.59
CA ASP B 25 20.66 -32.88 -1.56
C ASP B 25 19.70 -33.23 -2.70
N VAL B 26 19.94 -34.37 -3.33
CA VAL B 26 19.12 -34.84 -4.44
C VAL B 26 17.65 -35.06 -4.08
N HIS B 27 16.77 -34.64 -4.97
CA HIS B 27 15.34 -34.80 -4.76
C HIS B 27 14.61 -34.80 -6.10
N GLY B 28 13.39 -35.32 -6.10
CA GLY B 28 12.71 -35.37 -7.40
C GLY B 28 11.49 -34.44 -7.46
N HIS B 29 11.13 -34.08 -8.71
CA HIS B 29 9.99 -33.22 -8.98
C HIS B 29 9.16 -33.74 -10.15
N THR B 30 7.87 -33.36 -10.19
CA THR B 30 7.18 -33.42 -11.47
C THR B 30 7.29 -32.09 -12.20
N PHE B 31 7.92 -32.13 -13.38
CA PHE B 31 8.07 -30.90 -14.14
C PHE B 31 6.85 -30.66 -15.03
N PHE B 32 6.36 -29.43 -15.10
CA PHE B 32 5.24 -29.07 -15.96
C PHE B 32 5.80 -28.17 -17.06
N LEU B 33 5.65 -28.61 -18.30
CA LEU B 33 6.14 -27.87 -19.45
C LEU B 33 5.04 -27.28 -20.32
N GLU B 34 5.16 -26.00 -20.66
CA GLU B 34 4.19 -25.35 -21.52
C GLU B 34 4.94 -24.82 -22.72
N VAL B 35 4.50 -25.24 -23.89
CA VAL B 35 5.13 -24.83 -25.14
C VAL B 35 4.15 -24.04 -26.00
N ALA B 36 4.57 -22.87 -26.44
CA ALA B 36 3.73 -22.02 -27.28
C ALA B 36 4.37 -21.84 -28.66
N ILE B 37 3.64 -22.23 -29.70
CA ILE B 37 4.14 -22.09 -31.07
C ILE B 37 3.25 -21.12 -31.83
N GLU B 38 3.88 -20.11 -32.41
CA GLU B 38 3.16 -19.07 -33.15
C GLU B 38 3.21 -19.25 -34.67
N GLY B 39 2.08 -18.96 -35.31
CA GLY B 39 1.98 -19.07 -36.76
C GLY B 39 0.66 -18.50 -37.26
N GLU B 40 0.42 -18.60 -38.57
CA GLU B 40 -0.82 -18.08 -39.14
C GLU B 40 -1.93 -19.11 -39.14
N ILE B 41 -3.16 -18.66 -38.88
CA ILE B 41 -4.30 -19.56 -38.90
C ILE B 41 -4.67 -19.79 -40.35
N LYS B 42 -4.31 -20.96 -40.87
CA LYS B 42 -4.61 -21.31 -42.25
C LYS B 42 -5.60 -22.46 -42.25
N ASN B 43 -6.71 -22.28 -42.97
CA ASN B 43 -7.74 -23.30 -43.04
C ASN B 43 -8.24 -23.60 -41.63
N GLY B 44 -8.21 -22.59 -40.77
CA GLY B 44 -8.67 -22.74 -39.40
C GLY B 44 -7.68 -23.38 -38.43
N TYR B 45 -6.44 -23.57 -38.87
CA TYR B 45 -5.41 -24.18 -38.03
C TYR B 45 -4.08 -23.44 -38.09
N VAL B 46 -3.34 -23.45 -36.99
CA VAL B 46 -2.01 -22.85 -36.97
C VAL B 46 -1.09 -24.04 -37.19
N MET B 47 -1.26 -25.05 -36.34
CA MET B 47 -0.48 -26.28 -36.37
C MET B 47 -1.32 -27.30 -35.60
N ASP B 48 -1.23 -28.56 -35.99
CA ASP B 48 -1.97 -29.65 -35.34
C ASP B 48 -1.46 -29.86 -33.91
N PHE B 49 -2.36 -29.86 -32.93
CA PHE B 49 -1.97 -30.05 -31.53
C PHE B 49 -1.10 -31.30 -31.35
N LEU B 50 -1.64 -32.45 -31.75
CA LEU B 50 -0.93 -33.71 -31.62
C LEU B 50 0.43 -33.73 -32.29
N GLU B 51 0.55 -33.07 -33.43
CA GLU B 51 1.83 -33.04 -34.13
C GLU B 51 2.86 -32.33 -33.27
N LEU B 52 2.42 -31.26 -32.60
CA LEU B 52 3.30 -30.50 -31.73
C LEU B 52 3.64 -31.28 -30.46
N ARG B 53 2.63 -31.90 -29.85
CA ARG B 53 2.82 -32.68 -28.63
C ARG B 53 3.84 -33.80 -28.81
N LYS B 54 3.78 -34.47 -29.96
CA LYS B 54 4.70 -35.56 -30.22
C LYS B 54 6.15 -35.07 -30.30
N ILE B 55 6.34 -33.91 -30.92
CA ILE B 55 7.66 -33.33 -31.02
C ILE B 55 8.21 -33.03 -29.63
N VAL B 56 7.36 -32.42 -28.80
CA VAL B 56 7.71 -32.03 -27.44
C VAL B 56 7.96 -33.22 -26.49
N GLU B 57 7.10 -34.22 -26.56
CA GLU B 57 7.23 -35.38 -25.69
C GLU B 57 8.38 -36.30 -26.07
N GLU B 58 8.84 -36.22 -27.31
CA GLU B 58 9.99 -37.03 -27.74
C GLU B 58 11.19 -36.43 -27.02
N ILE B 59 11.13 -35.10 -26.86
CA ILE B 59 12.20 -34.37 -26.20
C ILE B 59 12.18 -34.57 -24.67
N THR B 60 11.03 -34.38 -24.06
CA THR B 60 10.92 -34.55 -22.61
C THR B 60 11.18 -36.00 -22.22
N LYS B 61 10.96 -36.91 -23.16
CA LYS B 61 11.19 -38.34 -22.94
C LYS B 61 12.62 -38.61 -22.51
N GLU B 62 13.58 -37.87 -23.07
CA GLU B 62 14.98 -38.07 -22.70
C GLU B 62 15.27 -37.66 -21.26
N LEU B 63 14.43 -36.76 -20.72
CA LEU B 63 14.59 -36.28 -19.35
C LEU B 63 13.75 -37.08 -18.33
N ASP B 64 12.62 -37.59 -18.81
CA ASP B 64 11.69 -38.34 -17.97
C ASP B 64 12.31 -39.49 -17.20
N HIS B 65 12.14 -39.46 -15.88
CA HIS B 65 12.61 -40.54 -14.99
C HIS B 65 14.13 -40.52 -14.80
N ARG B 66 14.80 -39.45 -15.27
CA ARG B 66 16.25 -39.47 -15.19
C ARG B 66 16.79 -38.53 -14.10
N ASN B 67 18.02 -38.86 -13.64
CA ASN B 67 18.75 -37.92 -12.79
C ASN B 67 19.37 -36.82 -13.65
N LEU B 68 18.89 -35.58 -13.56
CA LEU B 68 19.39 -34.51 -14.41
C LEU B 68 20.85 -34.13 -14.18
N ASN B 69 21.41 -34.48 -13.03
CA ASN B 69 22.81 -34.15 -12.79
C ASN B 69 23.70 -35.05 -13.63
N ASN B 70 23.11 -36.06 -14.27
CA ASN B 70 23.86 -36.96 -15.14
C ASN B 70 23.83 -36.41 -16.56
N ILE B 71 22.89 -35.52 -16.83
CA ILE B 71 22.72 -34.94 -18.16
C ILE B 71 23.22 -33.49 -18.29
N PHE B 72 23.05 -32.72 -17.21
CA PHE B 72 23.48 -31.32 -17.20
C PHE B 72 24.58 -31.13 -16.16
N GLU B 73 25.54 -30.26 -16.46
CA GLU B 73 26.62 -29.97 -15.52
C GLU B 73 25.98 -29.19 -14.38
N ASN B 74 25.00 -28.36 -14.72
CA ASN B 74 24.27 -27.57 -13.73
C ASN B 74 22.81 -27.55 -14.18
N PRO B 75 22.03 -28.53 -13.69
CA PRO B 75 20.61 -28.72 -13.98
C PRO B 75 19.62 -27.72 -13.41
N THR B 76 19.91 -26.43 -13.53
CA THR B 76 18.98 -25.41 -13.06
C THR B 76 17.76 -25.45 -13.98
N THR B 77 16.64 -24.92 -13.51
CA THR B 77 15.42 -24.92 -14.30
C THR B 77 15.60 -24.12 -15.58
N GLU B 78 16.48 -23.13 -15.53
CA GLU B 78 16.75 -22.31 -16.70
C GLU B 78 17.55 -23.07 -17.75
N ASN B 79 18.55 -23.83 -17.31
CA ASN B 79 19.38 -24.58 -18.25
C ASN B 79 18.60 -25.71 -18.92
N ILE B 80 17.66 -26.29 -18.19
CA ILE B 80 16.82 -27.36 -18.71
C ILE B 80 15.85 -26.77 -19.75
N ALA B 81 15.24 -25.64 -19.39
CA ALA B 81 14.29 -24.96 -20.26
C ALA B 81 15.00 -24.57 -21.56
N LEU B 82 16.18 -23.96 -21.44
CA LEU B 82 16.95 -23.54 -22.59
C LEU B 82 17.21 -24.73 -23.49
N TRP B 83 17.63 -25.85 -22.89
CA TRP B 83 17.90 -27.06 -23.64
C TRP B 83 16.66 -27.57 -24.37
N ILE B 84 15.50 -27.48 -23.71
CA ILE B 84 14.26 -27.93 -24.33
C ILE B 84 13.88 -26.98 -25.46
N GLY B 85 14.00 -25.68 -25.23
CA GLY B 85 13.67 -24.72 -26.26
C GLY B 85 14.45 -24.98 -27.54
N GLU B 86 15.77 -25.13 -27.39
CA GLU B 86 16.65 -25.38 -28.53
C GLU B 86 16.27 -26.65 -29.29
N ARG B 87 16.02 -27.73 -28.55
CA ARG B 87 15.64 -29.00 -29.16
C ARG B 87 14.32 -28.89 -29.93
N ILE B 88 13.34 -28.18 -29.36
CA ILE B 88 12.05 -28.02 -30.01
C ILE B 88 12.21 -27.20 -31.30
N ARG B 89 12.83 -26.03 -31.17
CA ARG B 89 13.06 -25.14 -32.31
C ARG B 89 13.64 -25.91 -33.49
N ASP B 90 14.58 -26.78 -33.19
CA ASP B 90 15.26 -27.57 -34.21
C ASP B 90 14.34 -28.54 -34.95
N LYS B 91 13.24 -28.94 -34.29
CA LYS B 91 12.29 -29.89 -34.87
C LYS B 91 11.02 -29.29 -35.45
N LEU B 92 10.77 -28.01 -35.18
CA LEU B 92 9.56 -27.38 -35.67
C LEU B 92 9.48 -27.21 -37.19
N PRO B 93 8.29 -27.42 -37.76
CA PRO B 93 8.09 -27.28 -39.21
C PRO B 93 8.43 -25.84 -39.61
N PRO B 94 8.76 -25.62 -40.88
CA PRO B 94 9.11 -24.28 -41.37
C PRO B 94 8.04 -23.19 -41.42
N TYR B 95 6.81 -23.49 -40.99
CA TYR B 95 5.78 -22.46 -41.04
C TYR B 95 5.43 -21.85 -39.69
N VAL B 96 6.11 -22.28 -38.63
CA VAL B 96 5.85 -21.74 -37.30
C VAL B 96 7.15 -21.36 -36.61
N LYS B 97 7.03 -20.66 -35.50
CA LYS B 97 8.20 -20.26 -34.73
C LYS B 97 7.94 -20.53 -33.25
N LEU B 98 8.99 -20.90 -32.52
CA LEU B 98 8.86 -21.15 -31.09
C LEU B 98 8.67 -19.79 -30.43
N LYS B 99 7.56 -19.63 -29.73
CA LYS B 99 7.25 -18.36 -29.10
C LYS B 99 7.54 -18.33 -27.60
N ARG B 100 7.17 -19.40 -26.92
CA ARG B 100 7.35 -19.43 -25.48
C ARG B 100 7.52 -20.83 -24.91
N VAL B 101 8.35 -20.91 -23.88
CA VAL B 101 8.61 -22.15 -23.17
C VAL B 101 8.54 -21.79 -21.70
N VAL B 102 7.62 -22.44 -20.99
CA VAL B 102 7.46 -22.19 -19.57
C VAL B 102 7.68 -23.52 -18.84
N LEU B 103 8.73 -23.59 -18.03
CA LEU B 103 9.04 -24.81 -17.31
C LEU B 103 8.86 -24.64 -15.80
N TRP B 104 7.95 -25.42 -15.24
CA TRP B 104 7.69 -25.37 -13.81
C TRP B 104 8.32 -26.53 -13.06
N GLU B 105 8.97 -26.22 -11.96
CA GLU B 105 9.56 -27.24 -11.10
C GLU B 105 8.51 -27.33 -10.00
N GLY B 106 7.55 -28.22 -10.19
CA GLY B 106 6.47 -28.32 -9.24
C GLY B 106 5.51 -27.26 -9.75
N LYS B 107 4.61 -26.77 -8.90
CA LYS B 107 3.65 -25.77 -9.34
C LYS B 107 3.99 -24.36 -8.83
N ASP B 108 4.93 -24.29 -7.89
CA ASP B 108 5.30 -23.02 -7.28
C ASP B 108 6.40 -22.18 -7.93
N ASN B 109 7.35 -22.82 -8.60
CA ASN B 109 8.45 -22.07 -9.21
C ASN B 109 8.69 -22.50 -10.65
N GLY B 110 8.86 -21.51 -11.52
CA GLY B 110 9.10 -21.83 -12.91
C GLY B 110 9.95 -20.82 -13.66
N VAL B 111 10.32 -21.18 -14.89
CA VAL B 111 11.13 -20.32 -15.73
C VAL B 111 10.35 -20.08 -17.03
N GLU B 112 10.35 -18.82 -17.48
CA GLU B 112 9.66 -18.47 -18.71
C GLU B 112 10.64 -17.90 -19.73
N LEU B 113 10.71 -18.52 -20.90
CA LEU B 113 11.59 -18.08 -21.96
C LEU B 113 10.69 -17.62 -23.11
N GLU B 114 10.95 -16.42 -23.63
CA GLU B 114 10.13 -15.91 -24.71
C GLU B 114 10.96 -15.35 -25.85
N TRP B 115 10.52 -15.64 -27.08
CA TRP B 115 11.20 -15.20 -28.28
C TRP B 115 10.31 -14.27 -29.10
N MET C 1 3.63 1.00 -18.28
CA MET C 1 3.04 -0.25 -17.73
C MET C 1 1.65 -0.48 -18.30
N LYS C 2 1.28 -1.76 -18.42
CA LYS C 2 -0.04 -2.10 -18.93
C LYS C 2 -0.79 -2.89 -17.87
N SER C 3 -2.06 -2.56 -17.70
CA SER C 3 -2.91 -3.23 -16.72
C SER C 3 -4.09 -3.93 -17.38
N ARG C 4 -4.44 -5.10 -16.86
CA ARG C 4 -5.54 -5.87 -17.40
C ARG C 4 -6.27 -6.63 -16.31
N ILE C 5 -7.53 -6.95 -16.57
CA ILE C 5 -8.30 -7.74 -15.64
C ILE C 5 -8.53 -9.03 -16.39
N ILE C 6 -8.51 -10.15 -15.69
CA ILE C 6 -8.70 -11.42 -16.35
C ILE C 6 -9.87 -12.18 -15.73
N VAL C 7 -10.62 -12.87 -16.57
CA VAL C 7 -11.76 -13.67 -16.12
C VAL C 7 -11.62 -15.04 -16.76
N ARG C 8 -11.90 -16.08 -15.99
CA ARG C 8 -11.84 -17.44 -16.48
C ARG C 8 -13.22 -18.06 -16.38
N THR C 9 -13.58 -18.83 -17.40
CA THR C 9 -14.89 -19.47 -17.42
C THR C 9 -14.75 -20.77 -18.16
N SER C 10 -15.85 -21.51 -18.25
CA SER C 10 -15.77 -22.75 -19.01
C SER C 10 -17.15 -23.16 -19.53
N PHE C 11 -17.14 -24.04 -20.51
CA PHE C 11 -18.36 -24.49 -21.15
C PHE C 11 -18.05 -25.81 -21.84
N ASP C 12 -19.07 -26.61 -22.07
CA ASP C 12 -18.89 -27.90 -22.73
C ASP C 12 -19.52 -27.85 -24.11
N ALA C 13 -18.83 -28.41 -25.10
CA ALA C 13 -19.34 -28.42 -26.47
C ALA C 13 -18.75 -29.61 -27.21
N ALA C 14 -19.32 -29.94 -28.36
CA ALA C 14 -18.83 -31.05 -29.15
C ALA C 14 -18.47 -30.62 -30.56
N HIS C 15 -17.53 -31.33 -31.18
CA HIS C 15 -17.09 -31.05 -32.54
C HIS C 15 -16.30 -32.21 -33.12
N VAL C 26 -18.06 -36.33 -33.99
CA VAL C 26 -18.09 -35.31 -32.96
C VAL C 26 -17.51 -35.82 -31.64
N HIS C 27 -16.69 -34.95 -31.00
CA HIS C 27 -16.13 -35.31 -29.71
C HIS C 27 -16.25 -34.16 -28.70
N GLY C 28 -17.15 -34.37 -27.72
CA GLY C 28 -17.38 -33.32 -26.74
C GLY C 28 -16.14 -33.02 -25.91
N HIS C 29 -15.96 -31.73 -25.58
CA HIS C 29 -14.81 -31.36 -24.76
C HIS C 29 -15.23 -30.42 -23.62
N THR C 30 -14.44 -30.15 -22.59
CA THR C 30 -14.75 -29.11 -21.63
C THR C 30 -13.73 -28.04 -22.00
N PHE C 31 -14.23 -26.90 -22.46
CA PHE C 31 -13.37 -25.80 -22.85
C PHE C 31 -13.16 -24.84 -21.70
N PHE C 32 -11.93 -24.39 -21.51
CA PHE C 32 -11.62 -23.44 -20.46
C PHE C 32 -11.24 -22.14 -21.16
N LEU C 33 -11.98 -21.08 -20.87
CA LEU C 33 -11.73 -19.81 -21.51
C LEU C 33 -11.18 -18.76 -20.58
N GLU C 34 -10.12 -18.11 -21.03
CA GLU C 34 -9.49 -17.03 -20.27
C GLU C 34 -9.57 -15.78 -21.14
N VAL C 35 -10.05 -14.69 -20.54
CA VAL C 35 -10.17 -13.44 -21.26
C VAL C 35 -9.46 -12.33 -20.50
N ALA C 36 -8.58 -11.63 -21.19
CA ALA C 36 -7.83 -10.54 -20.61
C ALA C 36 -8.23 -9.23 -21.29
N ILE C 37 -8.75 -8.30 -20.51
CA ILE C 37 -9.18 -7.00 -21.02
C ILE C 37 -8.18 -5.97 -20.52
N GLU C 38 -7.67 -5.16 -21.43
CA GLU C 38 -6.68 -4.14 -21.08
C GLU C 38 -7.30 -2.74 -21.01
N GLY C 39 -6.80 -1.94 -20.09
CA GLY C 39 -7.29 -0.58 -19.93
C GLY C 39 -6.50 0.11 -18.83
N GLU C 40 -6.92 1.31 -18.46
CA GLU C 40 -6.23 2.03 -17.40
C GLU C 40 -6.95 1.93 -16.07
N ILE C 41 -6.17 1.83 -15.00
CA ILE C 41 -6.72 1.75 -13.67
C ILE C 41 -7.29 3.11 -13.30
N LYS C 42 -8.62 3.23 -13.30
CA LYS C 42 -9.28 4.47 -12.98
C LYS C 42 -10.06 4.31 -11.69
N ASN C 43 -9.64 5.02 -10.65
CA ASN C 43 -10.28 4.95 -9.34
C ASN C 43 -10.29 3.51 -8.82
N GLY C 44 -9.12 2.88 -8.90
CA GLY C 44 -8.98 1.52 -8.42
C GLY C 44 -9.50 0.43 -9.34
N TYR C 45 -10.19 0.79 -10.41
CA TYR C 45 -10.75 -0.20 -11.33
C TYR C 45 -10.37 -0.03 -12.80
N VAL C 46 -10.21 -1.16 -13.49
CA VAL C 46 -9.93 -1.16 -14.92
C VAL C 46 -11.33 -1.28 -15.50
N MET C 47 -12.10 -2.20 -14.91
CA MET C 47 -13.48 -2.48 -15.26
C MET C 47 -13.86 -3.62 -14.31
N ASP C 48 -15.03 -3.55 -13.69
CA ASP C 48 -15.44 -4.58 -12.74
C ASP C 48 -15.58 -5.97 -13.34
N PHE C 49 -15.05 -6.95 -12.61
CA PHE C 49 -15.07 -8.34 -13.03
C PHE C 49 -16.45 -8.87 -13.44
N LEU C 50 -17.47 -8.49 -12.69
CA LEU C 50 -18.81 -8.97 -12.98
C LEU C 50 -19.37 -8.49 -14.31
N GLU C 51 -19.05 -7.26 -14.72
CA GLU C 51 -19.53 -6.75 -15.99
C GLU C 51 -18.86 -7.53 -17.11
N LEU C 52 -17.56 -7.73 -16.99
CA LEU C 52 -16.82 -8.47 -18.00
C LEU C 52 -17.32 -9.90 -18.04
N ARG C 53 -17.36 -10.55 -16.88
CA ARG C 53 -17.82 -11.93 -16.79
C ARG C 53 -19.21 -12.11 -17.39
N LYS C 54 -20.08 -11.10 -17.25
CA LYS C 54 -21.42 -11.19 -17.81
C LYS C 54 -21.33 -11.16 -19.33
N ILE C 55 -20.48 -10.28 -19.85
CA ILE C 55 -20.29 -10.16 -21.29
C ILE C 55 -19.79 -11.48 -21.86
N VAL C 56 -18.81 -12.07 -21.19
CA VAL C 56 -18.21 -13.32 -21.63
C VAL C 56 -19.17 -14.51 -21.60
N GLU C 57 -19.88 -14.70 -20.49
CA GLU C 57 -20.81 -15.81 -20.37
C GLU C 57 -21.96 -15.69 -21.38
N GLU C 58 -22.39 -14.45 -21.62
CA GLU C 58 -23.47 -14.19 -22.56
C GLU C 58 -23.09 -14.74 -23.94
N ILE C 59 -21.79 -14.82 -24.18
CA ILE C 59 -21.28 -15.33 -25.45
C ILE C 59 -21.08 -16.84 -25.38
N THR C 60 -20.46 -17.31 -24.29
CA THR C 60 -20.22 -18.74 -24.16
C THR C 60 -21.50 -19.57 -24.06
N LYS C 61 -22.57 -18.98 -23.52
CA LYS C 61 -23.82 -19.71 -23.39
C LYS C 61 -24.42 -20.12 -24.74
N GLU C 62 -24.03 -19.43 -25.81
CA GLU C 62 -24.53 -19.76 -27.14
C GLU C 62 -23.90 -21.04 -27.66
N LEU C 63 -22.76 -21.41 -27.08
CA LEU C 63 -22.02 -22.60 -27.48
C LEU C 63 -22.14 -23.73 -26.46
N ASP C 64 -22.54 -23.39 -25.23
CA ASP C 64 -22.65 -24.38 -24.17
C ASP C 64 -23.64 -25.50 -24.51
N HIS C 65 -23.16 -26.74 -24.47
CA HIS C 65 -23.93 -27.94 -24.76
C HIS C 65 -24.41 -28.10 -26.20
N ARG C 66 -23.72 -27.45 -27.13
CA ARG C 66 -24.09 -27.52 -28.54
C ARG C 66 -23.03 -28.27 -29.34
N ASN C 67 -23.37 -28.63 -30.58
CA ASN C 67 -22.40 -29.26 -31.45
C ASN C 67 -21.94 -28.07 -32.26
N LEU C 68 -20.66 -27.74 -32.15
CA LEU C 68 -20.13 -26.59 -32.87
C LEU C 68 -20.13 -26.78 -34.39
N ASN C 69 -20.26 -28.03 -34.83
CA ASN C 69 -20.29 -28.34 -36.26
C ASN C 69 -21.56 -27.83 -36.92
N ASN C 70 -22.53 -27.42 -36.11
CA ASN C 70 -23.79 -26.92 -36.64
C ASN C 70 -23.80 -25.40 -36.69
N ILE C 71 -22.83 -24.78 -36.03
CA ILE C 71 -22.75 -23.33 -35.99
C ILE C 71 -21.52 -22.80 -36.74
N PHE C 72 -20.45 -23.58 -36.78
CA PHE C 72 -19.22 -23.20 -37.46
C PHE C 72 -18.96 -24.10 -38.66
N GLU C 73 -18.51 -23.52 -39.76
CA GLU C 73 -18.20 -24.30 -40.95
C GLU C 73 -17.13 -25.31 -40.56
N ASN C 74 -16.15 -24.86 -39.78
CA ASN C 74 -15.08 -25.72 -39.30
C ASN C 74 -14.75 -25.26 -37.88
N PRO C 75 -15.33 -25.93 -36.87
CA PRO C 75 -15.16 -25.65 -35.46
C PRO C 75 -13.80 -26.01 -34.87
N THR C 76 -12.74 -25.41 -35.39
CA THR C 76 -11.41 -25.66 -34.86
C THR C 76 -11.34 -24.77 -33.62
N THR C 77 -10.50 -25.13 -32.66
CA THR C 77 -10.38 -24.32 -31.46
C THR C 77 -9.97 -22.90 -31.84
N GLU C 78 -9.15 -22.79 -32.88
CA GLU C 78 -8.73 -21.46 -33.35
C GLU C 78 -9.92 -20.63 -33.79
N ASN C 79 -10.76 -21.19 -34.68
CA ASN C 79 -11.91 -20.45 -35.17
C ASN C 79 -12.92 -20.09 -34.08
N ILE C 80 -13.13 -21.01 -33.14
CA ILE C 80 -14.05 -20.76 -32.04
C ILE C 80 -13.50 -19.60 -31.22
N ALA C 81 -12.19 -19.65 -30.96
CA ALA C 81 -11.52 -18.61 -30.19
C ALA C 81 -11.67 -17.27 -30.91
N LEU C 82 -11.46 -17.28 -32.22
CA LEU C 82 -11.58 -16.08 -33.05
C LEU C 82 -12.97 -15.47 -32.92
N TRP C 83 -13.98 -16.31 -33.13
CA TRP C 83 -15.38 -15.88 -33.03
C TRP C 83 -15.63 -15.23 -31.66
N ILE C 84 -15.28 -15.94 -30.59
CA ILE C 84 -15.47 -15.44 -29.23
C ILE C 84 -14.82 -14.07 -29.06
N GLY C 85 -13.62 -13.92 -29.61
CA GLY C 85 -12.92 -12.66 -29.52
C GLY C 85 -13.67 -11.52 -30.19
N GLU C 86 -14.20 -11.78 -31.37
CA GLU C 86 -14.95 -10.77 -32.11
C GLU C 86 -16.22 -10.39 -31.37
N ARG C 87 -16.91 -11.39 -30.84
CA ARG C 87 -18.14 -11.16 -30.11
C ARG C 87 -17.87 -10.37 -28.84
N ILE C 88 -16.77 -10.68 -28.18
CA ILE C 88 -16.43 -9.95 -26.97
C ILE C 88 -16.13 -8.50 -27.37
N ARG C 89 -15.20 -8.34 -28.31
CA ARG C 89 -14.82 -7.02 -28.79
C ARG C 89 -16.02 -6.11 -29.04
N ASP C 90 -17.05 -6.64 -29.69
CA ASP C 90 -18.24 -5.86 -30.00
C ASP C 90 -19.02 -5.37 -28.78
N LYS C 91 -18.82 -6.01 -27.64
CA LYS C 91 -19.57 -5.63 -26.44
C LYS C 91 -18.80 -4.90 -25.35
N LEU C 92 -17.46 -4.86 -25.43
CA LEU C 92 -16.73 -4.17 -24.37
C LEU C 92 -16.99 -2.66 -24.36
N PRO C 93 -16.77 -2.02 -23.18
CA PRO C 93 -16.98 -0.58 -23.00
C PRO C 93 -15.96 0.23 -23.82
N PRO C 94 -16.24 1.51 -24.08
CA PRO C 94 -15.42 2.45 -24.84
C PRO C 94 -13.93 2.58 -24.53
N TYR C 95 -13.56 2.62 -23.26
CA TYR C 95 -12.15 2.79 -22.90
C TYR C 95 -11.49 1.51 -22.42
N VAL C 96 -11.62 0.46 -23.21
CA VAL C 96 -11.05 -0.84 -22.88
C VAL C 96 -10.85 -1.62 -24.18
N LYS C 97 -9.90 -2.55 -24.19
CA LYS C 97 -9.64 -3.35 -25.40
C LYS C 97 -9.44 -4.82 -25.08
N LEU C 98 -9.80 -5.67 -26.04
CA LEU C 98 -9.63 -7.11 -25.88
C LEU C 98 -8.14 -7.32 -26.06
N LYS C 99 -7.47 -7.85 -25.05
CA LYS C 99 -6.03 -8.07 -25.15
C LYS C 99 -5.64 -9.50 -25.49
N ARG C 100 -6.22 -10.45 -24.77
CA ARG C 100 -5.89 -11.84 -25.00
C ARG C 100 -7.08 -12.77 -24.82
N VAL C 101 -7.08 -13.84 -25.60
CA VAL C 101 -8.11 -14.84 -25.52
C VAL C 101 -7.38 -16.18 -25.56
N VAL C 102 -7.52 -16.96 -24.49
CA VAL C 102 -6.90 -18.27 -24.43
C VAL C 102 -8.02 -19.28 -24.24
N LEU C 103 -8.11 -20.22 -25.17
CA LEU C 103 -9.15 -21.24 -25.15
C LEU C 103 -8.49 -22.61 -25.12
N TRP C 104 -8.75 -23.37 -24.06
CA TRP C 104 -8.19 -24.70 -23.93
C TRP C 104 -9.21 -25.76 -24.30
N GLU C 105 -8.82 -26.64 -25.21
CA GLU C 105 -9.66 -27.75 -25.65
C GLU C 105 -9.22 -28.86 -24.71
N GLY C 106 -9.74 -28.83 -23.49
CA GLY C 106 -9.33 -29.79 -22.50
C GLY C 106 -8.22 -29.08 -21.75
N LYS C 107 -7.72 -29.68 -20.67
CA LYS C 107 -6.66 -29.05 -19.87
C LYS C 107 -5.25 -29.01 -20.46
N ASP C 108 -4.99 -29.80 -21.50
CA ASP C 108 -3.65 -29.87 -22.07
C ASP C 108 -3.36 -29.18 -23.40
N ASN C 109 -4.40 -28.74 -24.10
CA ASN C 109 -4.21 -28.09 -25.40
C ASN C 109 -5.04 -26.83 -25.51
N GLY C 110 -4.44 -25.77 -26.04
CA GLY C 110 -5.17 -24.53 -26.17
C GLY C 110 -4.71 -23.65 -27.32
N VAL C 111 -5.45 -22.58 -27.52
CA VAL C 111 -5.16 -21.60 -28.56
C VAL C 111 -5.10 -20.24 -27.87
N GLU C 112 -3.99 -19.53 -28.09
CA GLU C 112 -3.81 -18.21 -27.52
C GLU C 112 -3.88 -17.15 -28.61
N LEU C 113 -4.75 -16.17 -28.42
CA LEU C 113 -4.90 -15.07 -29.38
C LEU C 113 -4.55 -13.81 -28.61
N GLU C 114 -3.61 -13.03 -29.14
CA GLU C 114 -3.16 -11.82 -28.48
C GLU C 114 -3.19 -10.63 -29.41
N TRP C 115 -3.84 -9.56 -28.97
CA TRP C 115 -3.97 -8.33 -29.76
C TRP C 115 -3.05 -7.24 -29.22
N MET D 1 -17.78 21.30 10.58
CA MET D 1 -16.76 21.12 11.64
C MET D 1 -16.49 19.64 11.93
N LYS D 2 -15.27 19.35 12.36
CA LYS D 2 -14.87 17.99 12.71
C LYS D 2 -14.41 17.99 14.16
N SER D 3 -14.93 17.03 14.93
CA SER D 3 -14.60 16.93 16.33
C SER D 3 -13.98 15.57 16.64
N ARG D 4 -12.96 15.56 17.49
CA ARG D 4 -12.29 14.32 17.84
C ARG D 4 -11.68 14.35 19.22
N ILE D 5 -11.70 13.21 19.92
CA ILE D 5 -11.10 13.16 21.24
C ILE D 5 -9.71 12.58 21.03
N ILE D 6 -8.78 12.92 21.91
CA ILE D 6 -7.42 12.44 21.79
C ILE D 6 -6.93 11.84 23.12
N VAL D 7 -6.13 10.79 23.04
CA VAL D 7 -5.57 10.17 24.25
C VAL D 7 -4.11 9.85 24.01
N ARG D 8 -3.30 10.05 25.04
CA ARG D 8 -1.88 9.78 24.95
C ARG D 8 -1.48 8.72 25.96
N THR D 9 -0.85 7.65 25.50
CA THR D 9 -0.39 6.60 26.38
C THR D 9 1.08 6.36 26.08
N SER D 10 1.66 5.35 26.72
CA SER D 10 3.07 5.04 26.51
C SER D 10 3.36 3.59 26.89
N PHE D 11 4.25 2.97 26.11
CA PHE D 11 4.65 1.59 26.38
C PHE D 11 6.10 1.42 26.00
N ASP D 12 6.74 0.40 26.57
CA ASP D 12 8.14 0.13 26.29
C ASP D 12 8.30 -1.26 25.70
N ALA D 13 9.15 -1.36 24.69
CA ALA D 13 9.40 -2.64 24.04
C ALA D 13 10.81 -2.65 23.47
N ALA D 14 11.26 -3.80 23.01
CA ALA D 14 12.60 -3.93 22.44
C ALA D 14 12.55 -4.59 21.07
N HIS D 15 13.56 -4.31 20.26
CA HIS D 15 13.64 -4.89 18.93
C HIS D 15 15.06 -4.79 18.37
N HIS D 27 17.78 -3.91 21.52
CA HIS D 27 17.70 -2.65 22.26
C HIS D 27 16.28 -2.11 22.25
N GLY D 28 15.84 -1.59 23.42
CA GLY D 28 14.43 -1.25 23.55
C GLY D 28 14.20 0.18 24.04
N HIS D 29 13.37 0.91 23.26
CA HIS D 29 13.08 2.30 23.57
C HIS D 29 11.70 2.47 24.20
N THR D 30 11.34 3.75 24.41
CA THR D 30 10.05 4.05 25.03
C THR D 30 9.11 4.75 24.04
N PHE D 31 7.92 4.19 23.82
CA PHE D 31 7.07 4.66 22.74
C PHE D 31 5.95 5.53 23.28
N PHE D 32 5.77 6.70 22.66
CA PHE D 32 4.71 7.60 23.10
C PHE D 32 3.65 7.58 22.02
N LEU D 33 2.48 7.07 22.39
CA LEU D 33 1.37 6.94 21.45
C LEU D 33 0.26 7.94 21.68
N GLU D 34 -0.28 8.45 20.58
CA GLU D 34 -1.38 9.41 20.60
C GLU D 34 -2.42 8.95 19.60
N VAL D 35 -3.67 8.81 20.05
CA VAL D 35 -4.74 8.35 19.18
C VAL D 35 -5.88 9.36 19.11
N ALA D 36 -6.31 9.68 17.90
CA ALA D 36 -7.40 10.63 17.69
C ALA D 36 -8.57 9.94 17.01
N ILE D 37 -9.73 10.00 17.67
CA ILE D 37 -10.95 9.39 17.15
C ILE D 37 -11.95 10.45 16.71
N GLU D 38 -12.38 10.39 15.46
CA GLU D 38 -13.30 11.38 14.94
C GLU D 38 -14.74 10.89 15.01
N GLY D 39 -15.65 11.79 15.38
CA GLY D 39 -17.04 11.44 15.50
C GLY D 39 -17.89 12.64 15.85
N GLU D 40 -19.20 12.43 15.95
CA GLU D 40 -20.12 13.51 16.29
C GLU D 40 -20.24 13.63 17.79
N ILE D 41 -20.45 14.86 18.27
CA ILE D 41 -20.58 15.07 19.70
C ILE D 41 -21.98 14.71 20.16
N LYS D 42 -22.08 13.71 21.03
CA LYS D 42 -23.36 13.25 21.54
C LYS D 42 -23.32 13.17 23.06
N ASN D 43 -24.39 13.62 23.71
CA ASN D 43 -24.46 13.61 25.15
C ASN D 43 -23.23 14.34 25.67
N GLY D 44 -22.79 15.35 24.93
CA GLY D 44 -21.64 16.13 25.33
C GLY D 44 -20.27 15.57 24.98
N TYR D 45 -20.19 14.50 24.19
CA TYR D 45 -18.88 13.96 23.85
C TYR D 45 -18.83 12.99 22.68
N VAL D 46 -17.63 12.81 22.13
CA VAL D 46 -17.42 11.92 21.01
C VAL D 46 -17.43 10.50 21.53
N MET D 47 -16.63 10.26 22.57
CA MET D 47 -16.58 8.97 23.25
C MET D 47 -15.72 9.06 24.51
N ASP D 48 -16.08 8.26 25.50
CA ASP D 48 -15.41 8.24 26.80
C ASP D 48 -13.88 8.12 26.72
N PHE D 49 -13.18 9.09 27.34
CA PHE D 49 -11.72 9.07 27.35
C PHE D 49 -11.20 7.73 27.86
N LEU D 50 -11.70 7.32 29.03
CA LEU D 50 -11.27 6.07 29.65
C LEU D 50 -11.67 4.85 28.82
N GLU D 51 -12.80 4.93 28.14
CA GLU D 51 -13.27 3.83 27.30
C GLU D 51 -12.29 3.65 26.16
N LEU D 52 -11.84 4.75 25.57
CA LEU D 52 -10.89 4.72 24.47
C LEU D 52 -9.51 4.40 24.99
N ARG D 53 -9.22 4.80 26.22
CA ARG D 53 -7.91 4.54 26.80
C ARG D 53 -7.74 3.09 27.23
N LYS D 54 -8.84 2.38 27.43
CA LYS D 54 -8.74 0.98 27.82
C LYS D 54 -8.51 0.20 26.54
N ILE D 55 -9.18 0.63 25.46
CA ILE D 55 -9.05 -0.02 24.17
C ILE D 55 -7.60 0.00 23.72
N VAL D 56 -6.92 1.13 23.94
CA VAL D 56 -5.54 1.28 23.54
C VAL D 56 -4.55 0.47 24.38
N GLU D 57 -4.68 0.57 25.70
CA GLU D 57 -3.79 -0.15 26.60
C GLU D 57 -3.99 -1.66 26.51
N GLU D 58 -5.14 -2.08 25.98
CA GLU D 58 -5.40 -3.49 25.79
C GLU D 58 -4.46 -3.90 24.67
N ILE D 59 -4.24 -2.95 23.75
CA ILE D 59 -3.38 -3.17 22.60
C ILE D 59 -1.90 -3.01 22.97
N THR D 60 -1.58 -1.91 23.67
CA THR D 60 -0.19 -1.67 24.08
C THR D 60 0.23 -2.76 25.04
N LYS D 61 -0.76 -3.33 25.73
CA LYS D 61 -0.58 -4.41 26.69
C LYS D 61 0.28 -5.50 26.06
N GLU D 62 -0.13 -5.91 24.87
CA GLU D 62 0.54 -6.96 24.13
C GLU D 62 1.95 -6.56 23.67
N LEU D 63 2.30 -5.28 23.82
CA LEU D 63 3.60 -4.82 23.37
C LEU D 63 4.63 -4.47 24.46
N ASP D 64 4.17 -4.16 25.68
CA ASP D 64 5.10 -3.85 26.78
C ASP D 64 6.14 -4.94 27.01
N HIS D 65 7.38 -4.52 27.30
CA HIS D 65 8.51 -5.47 27.61
C HIS D 65 8.55 -6.76 26.75
N ARG D 66 8.50 -6.66 25.43
CA ARG D 66 8.55 -7.83 24.58
C ARG D 66 9.37 -7.55 23.36
N ASN D 67 10.23 -8.49 23.02
CA ASN D 67 11.06 -8.35 21.84
C ASN D 67 10.07 -8.30 20.69
N LEU D 68 9.63 -7.08 20.35
CA LEU D 68 8.67 -6.86 19.29
C LEU D 68 8.96 -7.63 18.02
N ASN D 69 10.19 -8.12 17.88
CA ASN D 69 10.56 -8.89 16.71
C ASN D 69 9.95 -10.28 16.77
N ASN D 70 8.63 -10.33 16.97
CA ASN D 70 7.88 -11.59 17.05
C ASN D 70 6.51 -11.37 16.41
N ILE D 71 5.90 -10.23 16.72
CA ILE D 71 4.60 -9.88 16.17
C ILE D 71 4.80 -9.31 14.77
N PHE D 72 6.00 -8.81 14.52
CA PHE D 72 6.34 -8.23 13.23
C PHE D 72 7.67 -8.80 12.75
N GLU D 73 7.79 -9.06 11.45
CA GLU D 73 9.04 -9.58 10.92
C GLU D 73 9.99 -8.38 10.82
N ASN D 74 9.41 -7.19 10.84
CA ASN D 74 10.17 -5.95 10.77
C ASN D 74 9.52 -4.91 11.68
N PRO D 75 9.95 -4.86 12.95
CA PRO D 75 9.45 -3.94 13.99
C PRO D 75 9.75 -2.46 13.77
N THR D 76 9.46 -1.94 12.57
CA THR D 76 9.71 -0.53 12.31
C THR D 76 8.61 0.30 12.98
N THR D 77 8.92 1.56 13.28
CA THR D 77 7.96 2.44 13.91
C THR D 77 6.69 2.55 13.07
N GLU D 78 6.87 2.70 11.75
CA GLU D 78 5.73 2.81 10.84
C GLU D 78 4.84 1.59 10.91
N ASN D 79 5.45 0.41 10.86
CA ASN D 79 4.73 -0.85 10.92
C ASN D 79 3.97 -1.02 12.22
N ILE D 80 4.61 -0.67 13.33
CA ILE D 80 3.97 -0.78 14.64
C ILE D 80 2.78 0.17 14.67
N ALA D 81 2.96 1.35 14.10
CA ALA D 81 1.87 2.33 14.08
C ALA D 81 0.69 1.79 13.28
N LEU D 82 0.97 1.21 12.12
CA LEU D 82 -0.10 0.65 11.29
C LEU D 82 -0.85 -0.46 12.01
N TRP D 83 -0.11 -1.33 12.69
CA TRP D 83 -0.72 -2.43 13.43
C TRP D 83 -1.69 -1.87 14.45
N ILE D 84 -1.19 -0.99 15.30
CA ILE D 84 -1.99 -0.34 16.34
C ILE D 84 -3.24 0.28 15.73
N GLY D 85 -3.07 0.91 14.57
CA GLY D 85 -4.19 1.53 13.90
C GLY D 85 -5.26 0.51 13.54
N GLU D 86 -4.84 -0.63 12.99
CA GLU D 86 -5.79 -1.67 12.61
C GLU D 86 -6.50 -2.24 13.83
N ARG D 87 -5.74 -2.58 14.86
CA ARG D 87 -6.32 -3.14 16.07
C ARG D 87 -7.35 -2.20 16.71
N ILE D 88 -7.04 -0.90 16.75
CA ILE D 88 -7.97 0.06 17.32
C ILE D 88 -9.24 0.14 16.48
N ARG D 89 -9.08 0.05 15.16
CA ARG D 89 -10.24 0.10 14.27
C ARG D 89 -11.26 -0.98 14.59
N ASP D 90 -10.77 -2.21 14.73
CA ASP D 90 -11.61 -3.37 15.01
C ASP D 90 -12.29 -3.35 16.39
N LYS D 91 -11.89 -2.41 17.24
CA LYS D 91 -12.48 -2.32 18.56
C LYS D 91 -13.28 -1.01 18.73
N LEU D 92 -13.25 -0.18 17.69
CA LEU D 92 -13.99 1.09 17.67
C LEU D 92 -15.45 0.90 17.25
N PRO D 93 -16.39 1.29 18.14
CA PRO D 93 -17.80 1.30 17.80
C PRO D 93 -18.09 2.06 16.50
N PRO D 94 -19.20 1.69 15.84
CA PRO D 94 -19.46 2.06 14.45
C PRO D 94 -19.76 3.55 14.21
N TYR D 95 -20.05 4.29 15.29
CA TYR D 95 -20.44 5.69 15.07
C TYR D 95 -19.25 6.65 15.14
N VAL D 96 -18.04 6.05 15.11
CA VAL D 96 -16.84 6.87 15.12
C VAL D 96 -15.75 6.28 14.20
N LYS D 97 -14.69 6.98 13.86
CA LYS D 97 -13.63 6.37 13.08
C LYS D 97 -12.25 6.80 13.55
N LEU D 98 -11.26 5.93 13.34
CA LEU D 98 -9.90 6.23 13.71
C LEU D 98 -9.40 7.31 12.75
N LYS D 99 -9.10 8.47 13.29
CA LYS D 99 -8.64 9.59 12.48
C LYS D 99 -7.13 9.66 12.36
N ARG D 100 -6.42 9.44 13.48
CA ARG D 100 -4.97 9.56 13.46
C ARG D 100 -4.24 8.81 14.56
N VAL D 101 -3.04 8.34 14.22
CA VAL D 101 -2.17 7.64 15.14
C VAL D 101 -0.78 8.23 15.00
N VAL D 102 -0.24 8.72 16.10
CA VAL D 102 1.11 9.28 16.08
C VAL D 102 1.92 8.44 17.06
N LEU D 103 2.97 7.81 16.58
CA LEU D 103 3.81 6.98 17.44
C LEU D 103 5.23 7.54 17.47
N TRP D 104 5.65 7.96 18.66
CA TRP D 104 6.97 8.52 18.84
C TRP D 104 7.92 7.49 19.44
N GLU D 105 8.99 7.20 18.72
CA GLU D 105 10.00 6.25 19.20
C GLU D 105 11.00 7.15 19.91
N GLY D 106 10.90 7.21 21.23
CA GLY D 106 11.80 8.08 21.96
C GLY D 106 11.02 9.35 22.24
N LYS D 107 11.40 10.45 21.60
CA LYS D 107 10.69 11.72 21.82
C LYS D 107 10.90 12.69 20.66
N ASP D 108 11.94 12.47 19.87
CA ASP D 108 12.26 13.35 18.76
C ASP D 108 11.91 12.78 17.39
N ASN D 109 11.57 11.50 17.34
CA ASN D 109 11.23 10.85 16.09
C ASN D 109 9.89 10.13 16.21
N GLY D 110 9.06 10.28 15.19
CA GLY D 110 7.76 9.63 15.24
C GLY D 110 7.14 9.42 13.87
N VAL D 111 6.03 8.70 13.87
CA VAL D 111 5.29 8.40 12.67
C VAL D 111 3.85 8.86 12.84
N GLU D 112 3.32 9.55 11.83
CA GLU D 112 1.95 10.04 11.89
C GLU D 112 1.13 9.42 10.76
N LEU D 113 0.08 8.70 11.14
CA LEU D 113 -0.79 8.06 10.15
C LEU D 113 -2.14 8.76 10.16
N GLU D 114 -2.63 9.13 8.98
CA GLU D 114 -3.92 9.81 8.89
C GLU D 114 -4.89 9.08 7.98
N TRP D 115 -6.17 9.12 8.34
CA TRP D 115 -7.23 8.48 7.59
C TRP D 115 -8.34 9.48 7.30
N MET E 1 -0.51 25.87 -0.46
CA MET E 1 0.01 25.85 0.93
C MET E 1 -0.81 26.72 1.87
N LYS E 2 -1.01 26.23 3.09
CA LYS E 2 -1.75 26.97 4.10
C LYS E 2 -0.80 27.38 5.22
N SER E 3 -1.00 28.58 5.76
CA SER E 3 -0.18 29.09 6.84
C SER E 3 -1.05 29.50 8.02
N ARG E 4 -0.64 29.12 9.23
CA ARG E 4 -1.41 29.44 10.42
C ARG E 4 -0.51 29.82 11.58
N ILE E 5 -1.03 30.65 12.49
CA ILE E 5 -0.27 31.01 13.67
C ILE E 5 -0.93 30.23 14.80
N ILE E 6 -0.13 29.78 15.75
CA ILE E 6 -0.65 28.99 16.86
C ILE E 6 -0.32 29.63 18.20
N VAL E 7 -1.31 29.74 19.07
CA VAL E 7 -1.06 30.27 20.40
C VAL E 7 -1.45 29.22 21.43
N ARG E 8 -0.54 28.92 22.33
CA ARG E 8 -0.84 27.95 23.38
C ARG E 8 -0.97 28.73 24.67
N THR E 9 -1.94 28.34 25.48
CA THR E 9 -2.18 29.00 26.75
C THR E 9 -2.81 27.99 27.70
N SER E 10 -2.95 28.35 28.96
CA SER E 10 -3.53 27.43 29.93
C SER E 10 -4.33 28.13 31.01
N PHE E 11 -5.16 27.36 31.69
CA PHE E 11 -5.98 27.88 32.76
C PHE E 11 -6.37 26.72 33.66
N ASP E 12 -6.74 27.03 34.90
CA ASP E 12 -7.15 26.00 35.85
C ASP E 12 -8.65 26.07 36.02
N ALA E 13 -9.25 24.98 36.47
CA ALA E 13 -10.68 24.94 36.69
C ALA E 13 -11.07 23.60 37.29
N ALA E 14 -12.12 23.60 38.10
CA ALA E 14 -12.59 22.37 38.73
C ALA E 14 -13.91 21.99 38.08
N HIS E 15 -14.24 20.71 38.12
CA HIS E 15 -15.50 20.25 37.55
C HIS E 15 -15.74 18.76 37.81
N ALA E 16 -16.98 18.33 37.60
CA ALA E 16 -17.37 16.96 37.78
C ALA E 16 -18.13 16.52 36.54
N VAL E 17 -17.81 15.35 36.02
CA VAL E 17 -18.47 14.85 34.83
C VAL E 17 -19.80 14.16 35.15
N LYS E 18 -20.70 14.18 34.17
CA LYS E 18 -22.00 13.54 34.31
C LYS E 18 -21.82 12.04 34.12
N VAL E 19 -21.96 11.29 35.20
CA VAL E 19 -21.82 9.84 35.16
C VAL E 19 -23.17 9.16 35.32
N GLY E 20 -24.04 9.36 34.34
CA GLY E 20 -25.37 8.78 34.39
C GLY E 20 -26.38 9.86 34.71
N ASP E 21 -27.02 9.77 35.87
CA ASP E 21 -27.99 10.76 36.26
C ASP E 21 -27.41 11.61 37.39
N HIS E 22 -26.25 11.19 37.90
CA HIS E 22 -25.57 11.92 38.96
C HIS E 22 -24.22 12.44 38.47
N TRP E 23 -23.32 12.75 39.41
CA TRP E 23 -22.01 13.27 39.04
C TRP E 23 -20.88 12.63 39.84
N GLU E 24 -19.70 12.54 39.24
CA GLU E 24 -18.55 11.97 39.91
C GLU E 24 -17.90 13.06 40.77
N ASP E 25 -16.88 12.70 41.52
CA ASP E 25 -16.20 13.63 42.41
C ASP E 25 -15.53 14.82 41.71
N VAL E 26 -15.69 15.99 42.30
CA VAL E 26 -15.10 17.21 41.74
C VAL E 26 -13.59 17.18 41.89
N HIS E 27 -12.89 17.57 40.84
CA HIS E 27 -11.44 17.59 40.84
C HIS E 27 -10.94 18.67 39.89
N GLY E 28 -9.77 19.20 40.19
CA GLY E 28 -9.22 20.26 39.36
C GLY E 28 -8.15 19.80 38.41
N HIS E 29 -7.93 20.62 37.37
CA HIS E 29 -6.94 20.33 36.36
C HIS E 29 -6.43 21.61 35.74
N THR E 30 -5.29 21.50 35.08
CA THR E 30 -4.74 22.64 34.36
C THR E 30 -5.14 22.26 32.94
N PHE E 31 -5.89 23.12 32.28
CA PHE E 31 -6.31 22.87 30.91
C PHE E 31 -5.30 23.55 30.00
N PHE E 32 -4.88 22.85 28.96
CA PHE E 32 -3.94 23.42 28.00
C PHE E 32 -4.70 23.64 26.70
N LEU E 33 -4.74 24.89 26.26
CA LEU E 33 -5.46 25.25 25.05
C LEU E 33 -4.56 25.67 23.90
N GLU E 34 -4.78 25.08 22.74
CA GLU E 34 -4.02 25.41 21.55
C GLU E 34 -5.00 25.97 20.51
N VAL E 35 -4.68 27.13 19.96
CA VAL E 35 -5.54 27.77 18.97
C VAL E 35 -4.74 28.06 17.69
N ALA E 36 -5.25 27.55 16.58
CA ALA E 36 -4.60 27.75 15.29
C ALA E 36 -5.47 28.63 14.41
N ILE E 37 -4.91 29.72 13.93
CA ILE E 37 -5.64 30.65 13.08
C ILE E 37 -5.02 30.65 11.69
N GLU E 38 -5.85 30.51 10.69
CA GLU E 38 -5.37 30.46 9.31
C GLU E 38 -5.63 31.73 8.51
N GLY E 39 -4.61 32.15 7.77
CA GLY E 39 -4.70 33.34 6.96
C GLY E 39 -3.51 33.44 6.02
N GLU E 40 -3.48 34.49 5.22
CA GLU E 40 -2.41 34.71 4.26
C GLU E 40 -1.21 35.40 4.91
N ILE E 41 -0.02 35.10 4.40
CA ILE E 41 1.19 35.70 4.90
C ILE E 41 1.43 36.98 4.12
N LYS E 42 1.13 38.11 4.74
CA LYS E 42 1.34 39.39 4.07
C LYS E 42 2.37 40.19 4.84
N ASN E 43 3.43 40.58 4.15
CA ASN E 43 4.50 41.35 4.76
C ASN E 43 5.15 40.58 5.90
N GLY E 44 5.23 39.26 5.74
CA GLY E 44 5.86 38.43 6.77
C GLY E 44 4.99 37.94 7.91
N TYR E 45 3.75 38.40 8.02
CA TYR E 45 2.88 37.95 9.10
C TYR E 45 1.49 37.50 8.64
N VAL E 46 0.89 36.60 9.40
CA VAL E 46 -0.47 36.17 9.13
C VAL E 46 -1.30 37.02 10.09
N MET E 47 -0.88 37.03 11.35
CA MET E 47 -1.53 37.81 12.40
C MET E 47 -0.58 37.88 13.59
N ASP E 48 -0.52 39.03 14.24
CA ASP E 48 0.34 39.26 15.38
C ASP E 48 0.06 38.22 16.49
N PHE E 49 1.11 37.62 17.03
CA PHE E 49 0.96 36.62 18.09
C PHE E 49 0.19 37.18 19.27
N LEU E 50 0.66 38.30 19.81
CA LEU E 50 0.01 38.91 20.95
C LEU E 50 -1.45 39.30 20.71
N GLU E 51 -1.76 39.81 19.53
CA GLU E 51 -3.13 40.20 19.24
C GLU E 51 -4.05 39.00 19.43
N LEU E 52 -3.64 37.85 18.89
CA LEU E 52 -4.42 36.64 19.02
C LEU E 52 -4.46 36.17 20.48
N ARG E 53 -3.32 36.20 21.15
CA ARG E 53 -3.23 35.76 22.55
C ARG E 53 -4.18 36.55 23.44
N LYS E 54 -4.18 37.86 23.28
CA LYS E 54 -5.05 38.71 24.08
C LYS E 54 -6.51 38.30 23.92
N ILE E 55 -6.92 38.04 22.68
CA ILE E 55 -8.29 37.63 22.41
C ILE E 55 -8.61 36.31 23.10
N VAL E 56 -7.75 35.32 22.91
CA VAL E 56 -7.94 34.00 23.49
C VAL E 56 -7.89 34.05 25.02
N GLU E 57 -6.97 34.82 25.57
CA GLU E 57 -6.86 34.91 27.02
C GLU E 57 -7.96 35.72 27.70
N GLU E 58 -8.67 36.54 26.92
CA GLU E 58 -9.78 37.30 27.47
C GLU E 58 -10.92 36.30 27.66
N ILE E 59 -10.94 35.28 26.81
CA ILE E 59 -11.96 34.25 26.86
C ILE E 59 -11.67 33.20 27.96
N THR E 60 -10.46 32.66 27.97
CA THR E 60 -10.10 31.67 28.98
C THR E 60 -10.17 32.26 30.38
N LYS E 61 -10.09 33.59 30.45
CA LYS E 61 -10.16 34.31 31.72
C LYS E 61 -11.51 34.09 32.40
N GLU E 62 -12.55 33.83 31.60
CA GLU E 62 -13.88 33.60 32.13
C GLU E 62 -14.01 32.21 32.76
N LEU E 63 -13.07 31.32 32.43
CA LEU E 63 -13.10 29.97 32.95
C LEU E 63 -12.04 29.72 34.04
N ASP E 64 -10.96 30.48 33.98
CA ASP E 64 -9.84 30.34 34.90
C ASP E 64 -10.23 30.45 36.38
N HIS E 65 -9.80 29.47 37.17
CA HIS E 65 -10.06 29.42 38.61
C HIS E 65 -11.54 29.31 38.93
N ARG E 66 -12.31 28.79 37.99
CA ARG E 66 -13.76 28.66 38.18
C ARG E 66 -14.18 27.19 38.27
N ASN E 67 -15.40 26.98 38.74
CA ASN E 67 -15.98 25.64 38.84
C ASN E 67 -16.84 25.56 37.58
N LEU E 68 -16.39 24.81 36.60
CA LEU E 68 -17.10 24.69 35.33
C LEU E 68 -18.55 24.21 35.44
N ASN E 69 -18.89 23.47 36.49
CA ASN E 69 -20.27 23.00 36.64
C ASN E 69 -21.22 24.16 36.88
N ASN E 70 -20.68 25.31 37.28
CA ASN E 70 -21.49 26.50 37.51
C ASN E 70 -21.74 27.24 36.20
N ILE E 71 -20.91 26.97 35.20
CA ILE E 71 -21.00 27.63 33.90
C ILE E 71 -21.63 26.79 32.80
N PHE E 72 -21.39 25.48 32.85
CA PHE E 72 -21.94 24.56 31.84
C PHE E 72 -22.85 23.52 32.49
N GLU E 73 -23.92 23.12 31.80
CA GLU E 73 -24.82 22.10 32.32
C GLU E 73 -24.07 20.78 32.43
N ASN E 74 -23.17 20.55 31.48
CA ASN E 74 -22.34 19.35 31.45
C ASN E 74 -20.98 19.82 30.92
N PRO E 75 -20.07 20.16 31.84
CA PRO E 75 -18.72 20.63 31.48
C PRO E 75 -17.72 19.61 30.96
N THR E 76 -18.11 18.88 29.92
CA THR E 76 -17.18 17.92 29.31
C THR E 76 -16.14 18.75 28.56
N THR E 77 -15.02 18.14 28.22
CA THR E 77 -13.97 18.84 27.51
C THR E 77 -14.49 19.33 26.16
N GLU E 78 -15.32 18.52 25.51
CA GLU E 78 -15.89 18.87 24.21
C GLU E 78 -16.76 20.12 24.29
N ASN E 79 -17.65 20.17 25.28
CA ASN E 79 -18.52 21.33 25.45
C ASN E 79 -17.75 22.59 25.75
N ILE E 80 -16.71 22.47 26.57
CA ILE E 80 -15.88 23.62 26.92
C ILE E 80 -15.13 24.11 25.67
N ALA E 81 -14.61 23.15 24.91
CA ALA E 81 -13.87 23.45 23.68
C ALA E 81 -14.77 24.16 22.68
N LEU E 82 -15.97 23.62 22.47
CA LEU E 82 -16.93 24.19 21.54
C LEU E 82 -17.25 25.63 21.91
N TRP E 83 -17.48 25.86 23.19
CA TRP E 83 -17.79 27.19 23.67
C TRP E 83 -16.63 28.14 23.39
N ILE E 84 -15.41 27.65 23.59
CA ILE E 84 -14.22 28.47 23.35
C ILE E 84 -14.09 28.78 21.86
N GLY E 85 -14.34 27.78 21.01
CA GLY E 85 -14.26 28.00 19.58
C GLY E 85 -15.21 29.10 19.11
N GLU E 86 -16.46 29.02 19.55
CA GLU E 86 -17.47 30.00 19.18
C GLU E 86 -17.08 31.42 19.62
N ARG E 87 -16.61 31.52 20.86
CA ARG E 87 -16.20 32.81 21.39
C ARG E 87 -15.03 33.41 20.61
N ILE E 88 -14.04 32.58 20.27
CA ILE E 88 -12.88 33.04 19.53
C ILE E 88 -13.26 33.44 18.10
N ARG E 89 -14.03 32.58 17.45
CA ARG E 89 -14.48 32.84 16.08
C ARG E 89 -15.20 34.19 16.00
N ASP E 90 -16.01 34.46 17.01
CA ASP E 90 -16.79 35.69 17.08
C ASP E 90 -15.97 36.97 17.22
N LYS E 91 -14.76 36.86 17.77
CA LYS E 91 -13.91 38.01 17.97
C LYS E 91 -12.70 38.16 17.04
N LEU E 92 -12.51 37.22 16.12
CA LEU E 92 -11.39 37.29 15.19
C LEU E 92 -11.58 38.32 14.10
N PRO E 93 -10.48 38.92 13.62
CA PRO E 93 -10.56 39.94 12.56
C PRO E 93 -11.03 39.27 11.26
N PRO E 94 -11.62 40.06 10.35
CA PRO E 94 -12.14 39.57 9.07
C PRO E 94 -11.18 38.96 8.04
N TYR E 95 -9.88 38.91 8.34
CA TYR E 95 -8.95 38.33 7.37
C TYR E 95 -8.39 36.97 7.76
N VAL E 96 -8.83 36.42 8.88
CA VAL E 96 -8.36 35.11 9.30
C VAL E 96 -9.53 34.18 9.57
N LYS E 97 -9.22 32.90 9.71
CA LYS E 97 -10.23 31.89 9.94
C LYS E 97 -9.80 30.99 11.11
N LEU E 98 -10.74 30.65 11.97
CA LEU E 98 -10.42 29.76 13.09
C LEU E 98 -10.28 28.38 12.45
N LYS E 99 -9.07 27.84 12.48
CA LYS E 99 -8.78 26.55 11.88
C LYS E 99 -8.91 25.40 12.86
N ARG E 100 -8.31 25.55 14.04
CA ARG E 100 -8.32 24.47 14.99
C ARG E 100 -8.25 24.92 16.44
N VAL E 101 -8.90 24.12 17.29
CA VAL E 101 -8.93 24.36 18.72
C VAL E 101 -8.64 23.01 19.36
N VAL E 102 -7.62 22.96 20.20
CA VAL E 102 -7.27 21.72 20.87
C VAL E 102 -7.26 22.01 22.36
N LEU E 103 -8.21 21.44 23.08
CA LEU E 103 -8.29 21.63 24.52
C LEU E 103 -7.84 20.36 25.26
N TRP E 104 -6.79 20.51 26.04
CA TRP E 104 -6.26 19.38 26.80
C TRP E 104 -6.62 19.45 28.28
N GLU E 105 -7.23 18.38 28.77
CA GLU E 105 -7.58 18.29 30.18
C GLU E 105 -6.37 17.58 30.77
N GLY E 106 -5.43 18.36 31.27
CA GLY E 106 -4.21 17.76 31.77
C GLY E 106 -3.40 17.54 30.51
N LYS E 107 -2.41 16.66 30.55
CA LYS E 107 -1.61 16.40 29.36
C LYS E 107 -1.93 15.08 28.67
N ASP E 108 -2.82 14.29 29.27
CA ASP E 108 -3.17 12.98 28.71
C ASP E 108 -4.43 12.88 27.86
N ASN E 109 -5.43 13.73 28.13
CA ASN E 109 -6.69 13.67 27.39
C ASN E 109 -7.06 15.00 26.78
N GLY E 110 -7.51 14.97 25.52
CA GLY E 110 -7.89 16.21 24.87
C GLY E 110 -8.96 16.11 23.82
N VAL E 111 -9.44 17.26 23.38
CA VAL E 111 -10.45 17.34 22.35
C VAL E 111 -9.97 18.28 21.26
N GLU E 112 -10.07 17.83 20.02
CA GLU E 112 -9.63 18.63 18.88
C GLU E 112 -10.80 18.97 17.98
N LEU E 113 -11.01 20.26 17.75
CA LEU E 113 -12.07 20.75 16.88
C LEU E 113 -11.38 21.38 15.68
N GLU E 114 -11.80 21.01 14.48
CA GLU E 114 -11.20 21.55 13.28
C GLU E 114 -12.22 22.02 12.26
N TRP E 115 -11.94 23.16 11.62
CA TRP E 115 -12.83 23.73 10.62
C TRP E 115 -12.10 23.85 9.29
N MET F 1 -5.42 6.37 3.51
CA MET F 1 -4.40 6.38 4.60
C MET F 1 -3.14 7.08 4.12
N LYS F 2 -2.67 8.05 4.90
CA LYS F 2 -1.45 8.77 4.56
C LYS F 2 -0.47 8.61 5.72
N SER F 3 0.80 8.40 5.39
CA SER F 3 1.82 8.22 6.41
C SER F 3 2.96 9.21 6.29
N ARG F 4 3.44 9.69 7.44
CA ARG F 4 4.53 10.64 7.47
C ARG F 4 5.44 10.33 8.63
N ILE F 5 6.71 10.74 8.53
CA ILE F 5 7.62 10.54 9.65
C ILE F 5 7.84 11.96 10.15
N ILE F 6 8.04 12.11 11.45
CA ILE F 6 8.23 13.42 12.02
C ILE F 6 9.54 13.48 12.79
N VAL F 7 10.22 14.61 12.69
CA VAL F 7 11.46 14.81 13.41
C VAL F 7 11.35 16.17 14.10
N ARG F 8 11.77 16.19 15.37
CA ARG F 8 11.74 17.41 16.15
C ARG F 8 13.16 17.79 16.47
N THR F 9 13.47 19.08 16.36
CA THR F 9 14.80 19.57 16.64
C THR F 9 14.67 20.98 17.20
N SER F 10 15.75 21.51 17.76
CA SER F 10 15.73 22.85 18.34
C SER F 10 17.02 23.61 18.08
N PHE F 11 16.92 24.94 18.06
CA PHE F 11 18.08 25.79 17.85
C PHE F 11 17.78 27.16 18.44
N ASP F 12 18.83 27.87 18.84
CA ASP F 12 18.65 29.20 19.42
C ASP F 12 19.12 30.26 18.43
N ALA F 13 18.45 31.41 18.45
CA ALA F 13 18.79 32.51 17.55
C ALA F 13 18.15 33.79 18.07
N ALA F 14 18.68 34.93 17.63
CA ALA F 14 18.16 36.22 18.05
C ALA F 14 17.66 37.05 16.87
N HIS F 15 16.69 37.91 17.12
CA HIS F 15 16.13 38.76 16.08
C HIS F 15 15.36 39.93 16.67
N VAL F 26 16.75 43.29 18.41
CA VAL F 26 17.36 41.97 18.48
C VAL F 26 17.18 41.36 19.86
N HIS F 27 16.89 40.06 19.90
CA HIS F 27 16.66 39.41 21.18
C HIS F 27 16.75 37.88 21.10
N GLY F 28 17.30 37.27 22.15
CA GLY F 28 17.44 35.82 22.19
C GLY F 28 16.12 35.07 22.16
N HIS F 29 16.11 33.90 21.51
CA HIS F 29 14.90 33.11 21.40
C HIS F 29 15.19 31.62 21.16
N THR F 30 14.51 30.73 21.87
CA THR F 30 14.75 29.31 21.57
C THR F 30 13.65 28.81 20.67
N PHE F 31 14.05 28.28 19.52
CA PHE F 31 13.12 27.78 18.51
C PHE F 31 12.99 26.27 18.48
N PHE F 32 11.75 25.78 18.40
CA PHE F 32 11.51 24.35 18.32
C PHE F 32 10.90 24.06 16.96
N LEU F 33 11.58 23.21 16.19
CA LEU F 33 11.14 22.88 14.85
C LEU F 33 10.63 21.46 14.72
N GLU F 34 9.52 21.33 14.00
CA GLU F 34 8.89 20.04 13.75
C GLU F 34 8.71 19.93 12.24
N VAL F 35 9.16 18.83 11.67
CA VAL F 35 9.06 18.59 10.24
C VAL F 35 8.38 17.27 9.97
N ALA F 36 7.38 17.30 9.08
CA ALA F 36 6.62 16.11 8.72
C ALA F 36 6.80 15.84 7.24
N ILE F 37 7.31 14.65 6.92
CA ILE F 37 7.54 14.23 5.55
C ILE F 37 6.58 13.10 5.20
N GLU F 38 5.84 13.27 4.10
CA GLU F 38 4.88 12.26 3.67
C GLU F 38 5.41 11.41 2.52
N GLY F 39 4.98 10.16 2.50
CA GLY F 39 5.41 9.23 1.46
C GLY F 39 4.82 7.87 1.74
N GLU F 40 5.06 6.93 0.84
CA GLU F 40 4.55 5.57 0.99
C GLU F 40 5.46 4.74 1.89
N ILE F 41 4.86 3.95 2.77
CA ILE F 41 5.63 3.09 3.64
C ILE F 41 6.08 1.91 2.78
N LYS F 42 7.36 1.90 2.41
CA LYS F 42 7.89 0.82 1.60
C LYS F 42 8.98 0.09 2.36
N ASN F 43 8.85 -1.22 2.49
CA ASN F 43 9.84 -2.01 3.19
C ASN F 43 9.80 -1.67 4.68
N GLY F 44 8.69 -1.09 5.12
CA GLY F 44 8.54 -0.74 6.53
C GLY F 44 9.01 0.67 6.88
N TYR F 45 9.50 1.42 5.89
CA TYR F 45 9.96 2.76 6.14
C TYR F 45 9.41 3.77 5.14
N VAL F 46 9.25 5.00 5.60
CA VAL F 46 8.78 6.09 4.75
C VAL F 46 10.08 6.82 4.35
N MET F 47 11.00 6.85 5.30
CA MET F 47 12.31 7.49 5.15
C MET F 47 13.00 7.26 6.50
N ASP F 48 14.30 7.02 6.48
CA ASP F 48 15.00 6.80 7.74
C ASP F 48 15.10 8.10 8.55
N PHE F 49 14.79 8.00 9.84
CA PHE F 49 14.80 9.15 10.72
C PHE F 49 16.06 10.01 10.61
N LEU F 50 17.22 9.40 10.84
CA LEU F 50 18.47 10.15 10.81
C LEU F 50 18.78 10.78 9.45
N GLU F 51 18.24 10.21 8.38
CA GLU F 51 18.50 10.80 7.07
C GLU F 51 17.75 12.12 7.01
N LEU F 52 16.49 12.10 7.45
CA LEU F 52 15.69 13.31 7.47
C LEU F 52 16.30 14.29 8.47
N ARG F 53 16.68 13.77 9.64
CA ARG F 53 17.26 14.59 10.69
C ARG F 53 18.54 15.27 10.21
N LYS F 54 19.34 14.55 9.41
CA LYS F 54 20.58 15.11 8.86
C LYS F 54 20.24 16.30 7.98
N ILE F 55 19.24 16.12 7.12
CA ILE F 55 18.81 17.17 6.20
C ILE F 55 18.31 18.40 6.96
N VAL F 56 17.49 18.16 7.98
CA VAL F 56 16.94 19.26 8.76
C VAL F 56 18.00 20.04 9.55
N GLU F 57 18.89 19.31 10.22
CA GLU F 57 19.92 19.95 11.03
C GLU F 57 21.01 20.66 10.25
N GLU F 58 21.30 20.20 9.03
CA GLU F 58 22.33 20.89 8.25
C GLU F 58 21.77 22.25 7.83
N ILE F 59 20.45 22.37 7.89
CA ILE F 59 19.78 23.61 7.54
C ILE F 59 19.68 24.49 8.79
N THR F 60 19.26 23.89 9.90
CA THR F 60 19.11 24.63 11.16
C THR F 60 20.44 25.13 11.73
N LYS F 61 21.53 24.43 11.45
CA LYS F 61 22.82 24.86 11.98
C LYS F 61 23.24 26.21 11.41
N GLU F 62 22.64 26.59 10.28
CA GLU F 62 22.96 27.86 9.64
C GLU F 62 22.37 29.05 10.41
N LEU F 63 21.33 28.79 11.20
CA LEU F 63 20.68 29.83 11.98
C LEU F 63 21.03 29.77 13.46
N ASP F 64 21.42 28.58 13.91
CA ASP F 64 21.75 28.38 15.33
C ASP F 64 22.86 29.31 15.85
N HIS F 65 22.51 30.08 16.87
CA HIS F 65 23.45 31.00 17.50
C HIS F 65 23.70 32.27 16.65
N ARG F 66 22.86 32.50 15.65
CA ARG F 66 23.06 33.65 14.76
C ARG F 66 22.03 34.75 14.97
N ASN F 67 22.33 35.93 14.44
CA ASN F 67 21.42 37.07 14.53
C ASN F 67 20.63 37.01 13.24
N LEU F 68 19.37 36.61 13.34
CA LEU F 68 18.50 36.48 12.17
C LEU F 68 18.33 37.74 11.33
N ASN F 69 18.55 38.90 11.93
CA ASN F 69 18.40 40.15 11.19
C ASN F 69 19.53 40.38 10.19
N ASN F 70 20.54 39.51 10.23
CA ASN F 70 21.67 39.61 9.31
C ASN F 70 21.50 38.64 8.16
N ILE F 71 20.57 37.70 8.32
CA ILE F 71 20.29 36.71 7.31
C ILE F 71 18.99 37.00 6.56
N PHE F 72 18.00 37.46 7.31
CA PHE F 72 16.68 37.77 6.77
C PHE F 72 16.38 39.26 6.75
N GLU F 73 15.68 39.70 5.71
CA GLU F 73 15.29 41.10 5.57
C GLU F 73 14.27 41.37 6.67
N ASN F 74 13.44 40.37 6.94
CA ASN F 74 12.42 40.47 7.99
C ASN F 74 12.24 39.07 8.59
N PRO F 75 13.00 38.77 9.65
CA PRO F 75 13.02 37.51 10.40
C PRO F 75 11.79 37.14 11.21
N THR F 76 10.61 37.19 10.60
CA THR F 76 9.39 36.81 11.30
C THR F 76 9.44 35.28 11.39
N THR F 77 8.70 34.71 12.33
CA THR F 77 8.69 33.26 12.46
C THR F 77 8.17 32.67 11.15
N GLU F 78 7.20 33.36 10.54
CA GLU F 78 6.63 32.91 9.29
C GLU F 78 7.68 32.83 8.18
N ASN F 79 8.48 33.87 8.01
CA ASN F 79 9.50 33.88 6.97
C ASN F 79 10.56 32.82 7.23
N ILE F 80 10.99 32.70 8.48
CA ILE F 80 11.99 31.70 8.84
C ILE F 80 11.41 30.32 8.52
N ALA F 81 10.15 30.12 8.87
CA ALA F 81 9.48 28.85 8.60
C ALA F 81 9.49 28.57 7.10
N LEU F 82 9.05 29.54 6.30
CA LEU F 82 9.03 29.39 4.85
C LEU F 82 10.40 29.00 4.31
N TRP F 83 11.41 29.77 4.70
CA TRP F 83 12.77 29.50 4.26
C TRP F 83 13.18 28.06 4.58
N ILE F 84 13.03 27.66 5.84
CA ILE F 84 13.37 26.31 6.25
C ILE F 84 12.63 25.30 5.38
N GLY F 85 11.36 25.57 5.12
CA GLY F 85 10.56 24.69 4.30
C GLY F 85 11.10 24.51 2.90
N GLU F 86 11.58 25.60 2.30
CA GLU F 86 12.13 25.52 0.95
C GLU F 86 13.47 24.80 0.92
N ARG F 87 14.31 25.07 1.91
CA ARG F 87 15.61 24.42 1.98
C ARG F 87 15.43 22.90 2.07
N ILE F 88 14.46 22.47 2.88
CA ILE F 88 14.19 21.04 3.06
C ILE F 88 13.67 20.42 1.77
N ARG F 89 12.70 21.07 1.14
CA ARG F 89 12.12 20.59 -0.09
C ARG F 89 13.19 20.30 -1.14
N ASP F 90 14.21 21.15 -1.17
CA ASP F 90 15.30 21.05 -2.13
C ASP F 90 16.26 19.88 -1.91
N LYS F 91 16.21 19.27 -0.72
CA LYS F 91 17.11 18.16 -0.39
C LYS F 91 16.43 16.82 -0.09
N LEU F 92 15.11 16.77 -0.21
CA LEU F 92 14.37 15.54 0.06
C LEU F 92 14.48 14.50 -1.04
N PRO F 93 14.47 13.21 -0.67
CA PRO F 93 14.56 12.11 -1.64
C PRO F 93 13.42 12.21 -2.66
N PRO F 94 13.59 11.58 -3.82
CA PRO F 94 12.62 11.55 -4.92
C PRO F 94 11.18 11.12 -4.61
N TYR F 95 11.00 10.11 -3.77
CA TYR F 95 9.64 9.65 -3.49
C TYR F 95 8.99 10.08 -2.18
N VAL F 96 9.27 11.30 -1.74
CA VAL F 96 8.67 11.83 -0.52
C VAL F 96 8.38 13.30 -0.74
N LYS F 97 7.65 13.93 0.18
CA LYS F 97 7.34 15.34 0.05
C LYS F 97 7.20 16.01 1.42
N LEU F 98 7.50 17.30 1.45
CA LEU F 98 7.39 18.07 2.68
C LEU F 98 5.91 18.29 2.96
N LYS F 99 5.41 17.75 4.06
CA LYS F 99 3.99 17.89 4.40
C LYS F 99 3.70 19.02 5.38
N ARG F 100 4.53 19.15 6.40
CA ARG F 100 4.29 20.18 7.40
C ARG F 100 5.55 20.68 8.08
N VAL F 101 5.49 21.93 8.50
CA VAL F 101 6.57 22.59 9.21
C VAL F 101 5.91 23.40 10.32
N VAL F 102 6.36 23.19 11.54
CA VAL F 102 5.83 23.94 12.67
C VAL F 102 7.02 24.50 13.41
N LEU F 103 7.17 25.82 13.34
CA LEU F 103 8.28 26.50 14.00
C LEU F 103 7.75 27.27 15.19
N TRP F 104 8.19 26.86 16.37
CA TRP F 104 7.77 27.51 17.59
C TRP F 104 8.80 28.50 18.07
N GLU F 105 8.36 29.73 18.31
CA GLU F 105 9.22 30.80 18.81
C GLU F 105 8.98 30.74 20.30
N GLY F 106 9.70 29.85 20.98
CA GLY F 106 9.46 29.67 22.40
C GLY F 106 8.45 28.54 22.42
N LYS F 107 8.00 28.13 23.60
CA LYS F 107 7.04 27.02 23.68
C LYS F 107 5.57 27.41 23.50
N ASP F 108 5.27 28.71 23.52
CA ASP F 108 3.86 29.11 23.42
C ASP F 108 3.34 29.79 22.15
N ASN F 109 4.22 30.15 21.23
CA ASN F 109 3.80 30.78 19.97
C ASN F 109 4.53 30.10 18.82
N GLY F 110 3.79 29.77 17.77
CA GLY F 110 4.42 29.11 16.63
C GLY F 110 3.68 29.30 15.32
N VAL F 111 4.36 28.95 14.22
CA VAL F 111 3.79 29.06 12.90
C VAL F 111 3.71 27.66 12.30
N GLU F 112 2.58 27.35 11.68
CA GLU F 112 2.36 26.05 11.06
C GLU F 112 2.13 26.22 9.56
N LEU F 113 2.97 25.54 8.77
CA LEU F 113 2.84 25.58 7.33
C LEU F 113 2.51 24.17 6.88
N GLU F 114 1.43 24.02 6.12
CA GLU F 114 1.01 22.71 5.66
C GLU F 114 0.83 22.70 4.14
N TRP F 115 1.42 21.70 3.48
CA TRP F 115 1.34 21.59 2.04
C TRP F 115 0.43 20.45 1.61
N1 H4B G . -13.67 -5.49 -10.00
C2 H4B G . -12.41 -5.12 -10.13
N2 H4B G . -11.97 -4.69 -11.36
N3 H4B G . -11.50 -5.15 -9.08
C4 H4B G . -11.88 -5.56 -7.83
O4 H4B G . -11.09 -5.60 -6.90
C4A H4B G . -13.30 -5.99 -7.65
C8A H4B G . -14.17 -5.93 -8.80
N5 H4B G . -13.79 -6.42 -6.46
N8 H4B G . -15.46 -6.30 -8.66
C6 H4B G . -15.09 -6.79 -6.35
C7 H4B G . -15.94 -6.74 -7.47
C9 H4B G . -15.64 -7.27 -5.02
O9 H4B G . -17.03 -7.56 -5.17
C10 H4B G . -14.88 -8.52 -4.53
C11 H4B G . -15.46 -8.97 -3.19
O10 H4B G . -13.50 -8.21 -4.37
N1 H4B H . 16.73 -20.53 -8.76
C2 H4B H . 16.72 -20.53 -10.09
N2 H4B H . 16.77 -19.33 -10.74
N3 H4B H . 16.64 -21.69 -10.83
C4 H4B H . 16.58 -22.92 -10.22
O4 H4B H . 16.52 -23.95 -10.87
C4A H4B H . 16.59 -22.96 -8.73
C8A H4B H . 16.67 -21.68 -8.04
N5 H4B H . 16.52 -24.09 -8.02
N8 H4B H . 16.68 -21.68 -6.69
C6 H4B H . 16.53 -24.07 -6.67
C7 H4B H . 16.62 -22.83 -5.99
C9 H4B H . 16.46 -25.35 -5.87
O9 H4B H . 17.39 -25.30 -4.77
C10 H4B H . 15.02 -25.54 -5.32
C11 H4B H . 14.95 -26.83 -4.51
O10 H4B H . 14.07 -25.61 -6.39
N1 H4B I . -5.33 -28.89 -33.83
C2 H4B I . -5.58 -27.59 -33.77
N2 H4B I . -4.59 -26.71 -34.10
N3 H4B I . -6.82 -27.09 -33.40
C4 H4B I . -7.86 -27.94 -33.07
O4 H4B I . -8.95 -27.51 -32.74
C4A H4B I . -7.59 -29.41 -33.12
C8A H4B I . -6.27 -29.83 -33.52
N5 H4B I . -8.52 -30.35 -32.82
N8 H4B I . -5.99 -31.17 -33.58
C6 H4B I . -8.23 -31.66 -32.88
C7 H4B I . -6.93 -32.07 -33.27
C9 H4B I . -9.27 -32.69 -32.53
O9 H4B I . -9.30 -33.70 -33.56
C10 H4B I . -8.95 -33.34 -31.17
C11 H4B I . -9.99 -34.41 -30.84
O10 H4B I . -8.94 -32.34 -30.15
N1 H4B J . 13.47 5.05 10.85
C2 H4B J . 12.18 4.86 10.64
N2 H4B J . 11.57 5.60 9.66
N3 H4B J . 11.43 3.95 11.36
C4 H4B J . 12.01 3.18 12.36
O4 H4B J . 11.35 2.38 12.99
C4A H4B J . 13.46 3.37 12.62
C8A H4B J . 14.16 4.35 11.82
N5 H4B J . 14.14 2.68 13.58
N8 H4B J . 15.48 4.55 12.04
C6 H4B J . 15.46 2.89 13.77
C7 H4B J . 16.14 3.85 12.98
C9 H4B J . 16.24 2.11 14.81
O9 H4B J . 17.56 2.67 14.93
C10 H4B J . 15.54 2.17 16.19
C11 H4B J . 16.39 1.43 17.23
O10 H4B J . 14.25 1.57 16.10
N1 H4B K . -14.63 13.44 29.07
C2 H4B K . -15.01 14.62 28.65
N2 H4B K . -15.66 14.71 27.45
N3 H4B K . -14.77 15.78 29.36
C4 H4B K . -14.12 15.74 30.57
O4 H4B K . -13.90 16.76 31.20
C4A H4B K . -13.68 14.42 31.07
C8A H4B K . -13.99 13.26 30.26
N5 H4B K . -13.04 14.25 32.25
N8 H4B K . -13.59 12.04 30.69
C6 H4B K . -12.66 13.02 32.67
C7 H4B K . -12.95 11.89 31.86
C9 H4B K . -11.93 12.81 33.97
O9 H4B K . -12.38 11.58 34.54
C10 H4B K . -10.41 12.74 33.77
C11 H4B K . -9.72 12.51 35.12
O10 H4B K . -9.94 13.97 33.19
N1 H4B L . 3.61 37.58 15.09
C2 H4B L . 3.76 36.71 14.08
N2 H4B L . 2.64 36.25 13.44
N3 H4B L . 5.00 36.26 13.67
C4 H4B L . 6.16 36.69 14.28
O4 H4B L . 7.25 36.30 13.92
C4A H4B L . 6.02 37.66 15.41
C8A H4B L . 4.68 38.08 15.77
N5 H4B L . 7.08 38.14 16.08
N8 H4B L . 4.54 38.95 16.80
C6 H4B L . 6.91 39.01 17.09
C7 H4B L . 5.62 39.43 17.46
C9 H4B L . 8.12 39.54 17.84
O9 H4B L . 7.96 40.95 18.08
C10 H4B L . 8.29 38.79 19.18
C11 H4B L . 9.51 39.32 19.94
O10 H4B L . 8.45 37.38 18.94
#